data_5HOQ
#
_entry.id   5HOQ
#
_cell.length_a   148.262
_cell.length_b   125.142
_cell.length_c   107.152
_cell.angle_alpha   90.00
_cell.angle_beta   125.12
_cell.angle_gamma   90.00
#
_symmetry.space_group_name_H-M   'C 1 2 1'
#
loop_
_entity.id
_entity.type
_entity.pdbx_description
1 polymer "TDP-rhamnose 3'-O-methyltransferase (CalS11)"
2 non-polymer 'SULFATE ION'
3 water water
#
_entity_poly.entity_id   1
_entity_poly.type   'polypeptide(L)'
_entity_poly.pdbx_seq_one_letter_code
;MDSGDGQDLRAFVHDSPEETETTQRLTKLLTNSPIPTEELVNNLPLFLRRHQMTDLLSMDALYRQVLDVPGVIMEFGVRF
GRHLGTFAALRGVYEPYNPLRRIVGFDTFTGFPDVNDVDRVGPTAYQGRFAVPGGYPAYLKEVLDAHECSDFFGHVTQRS
VLVEGDVRETVPRYLAENPQTVIALAYFDLDLYEPTKAVLEAIRPYLTKGSIVAFDELDNPKWPGENIAMRKVLGLDHAP
LRLLPGRPAPAYLRWGD
;
_entity_poly.pdbx_strand_id   A,B,C,D,E
#
loop_
_chem_comp.id
_chem_comp.type
_chem_comp.name
_chem_comp.formula
SO4 non-polymer 'SULFATE ION' 'O4 S -2'
#
# COMPACT_ATOMS: atom_id res chain seq x y z
N GLN A 7 -27.69 42.22 -20.70
CA GLN A 7 -26.62 41.27 -20.44
C GLN A 7 -25.62 41.23 -21.58
N ASP A 8 -24.35 41.43 -21.25
CA ASP A 8 -23.27 41.29 -22.21
C ASP A 8 -22.88 39.82 -22.28
N LEU A 9 -23.13 39.18 -23.43
CA LEU A 9 -22.77 37.78 -23.59
C LEU A 9 -21.28 37.57 -23.54
N ARG A 10 -20.49 38.61 -23.81
CA ARG A 10 -19.05 38.49 -23.73
C ARG A 10 -18.54 38.32 -22.30
N ALA A 11 -19.39 38.52 -21.29
CA ALA A 11 -18.96 38.30 -19.92
C ALA A 11 -19.02 36.84 -19.50
N PHE A 12 -19.62 35.99 -20.34
CA PHE A 12 -19.55 34.56 -20.14
C PHE A 12 -18.33 34.01 -20.83
N VAL A 13 -17.77 32.92 -20.28
CA VAL A 13 -16.64 32.28 -20.91
C VAL A 13 -17.04 31.82 -22.30
N HIS A 14 -16.21 32.13 -23.30
CA HIS A 14 -16.40 31.68 -24.66
C HIS A 14 -15.04 31.57 -25.33
N ASP A 15 -14.99 30.80 -26.42
CA ASP A 15 -13.72 30.55 -27.12
C ASP A 15 -13.20 31.80 -27.82
N SER A 16 -11.89 32.00 -27.68
CA SER A 16 -11.19 32.98 -28.49
C SER A 16 -11.17 32.55 -29.97
N PRO A 17 -10.96 33.49 -30.88
CA PRO A 17 -10.78 33.11 -32.29
C PRO A 17 -9.66 32.12 -32.52
N GLU A 18 -8.56 32.23 -31.76
CA GLU A 18 -7.45 31.29 -31.92
C GLU A 18 -7.82 29.90 -31.41
N GLU A 19 -8.55 29.83 -30.30
CA GLU A 19 -9.01 28.54 -29.81
C GLU A 19 -9.90 27.87 -30.83
N THR A 20 -10.80 28.66 -31.43
CA THR A 20 -11.65 28.13 -32.50
C THR A 20 -10.81 27.67 -33.68
N GLU A 21 -9.80 28.44 -34.08
CA GLU A 21 -8.96 28.04 -35.19
C GLU A 21 -8.25 26.73 -34.90
N THR A 22 -7.67 26.60 -33.69
CA THR A 22 -7.00 25.34 -33.36
C THR A 22 -7.94 24.16 -33.45
N THR A 23 -9.15 24.32 -32.93
CA THR A 23 -10.12 23.24 -32.94
C THR A 23 -10.48 22.85 -34.37
N GLN A 24 -10.71 23.84 -35.22
CA GLN A 24 -11.12 23.56 -36.58
C GLN A 24 -10.00 22.90 -37.38
N ARG A 25 -8.77 23.39 -37.21
CA ARG A 25 -7.64 22.81 -37.93
C ARG A 25 -7.42 21.37 -37.54
N LEU A 26 -7.43 21.09 -36.24
CA LEU A 26 -7.18 19.73 -35.79
C LEU A 26 -8.28 18.79 -36.26
N THR A 27 -9.51 19.28 -36.37
CA THR A 27 -10.59 18.46 -36.88
C THR A 27 -10.29 18.02 -38.32
N LYS A 28 -9.86 18.96 -39.16
CA LYS A 28 -9.53 18.69 -40.56
C LYS A 28 -8.38 17.70 -40.68
N LEU A 29 -7.36 17.88 -39.84
CA LEU A 29 -6.18 17.03 -39.91
C LEU A 29 -6.48 15.63 -39.41
N LEU A 30 -7.46 15.49 -38.52
CA LEU A 30 -7.92 14.17 -38.07
C LEU A 30 -8.69 13.45 -39.17
N THR A 31 -9.64 14.13 -39.81
CA THR A 31 -10.50 13.48 -40.80
C THR A 31 -9.83 13.33 -42.15
N ASN A 32 -8.77 14.10 -42.41
CA ASN A 32 -8.02 13.96 -43.66
C ASN A 32 -6.58 13.56 -43.37
N SER A 33 -6.37 12.53 -42.63
CA SER A 33 -5.03 12.20 -42.14
C SER A 33 -4.35 11.17 -43.03
N PRO A 34 -3.05 11.31 -43.30
CA PRO A 34 -2.32 10.21 -43.96
C PRO A 34 -1.96 9.08 -43.01
N ILE A 35 -2.18 9.22 -41.70
CA ILE A 35 -2.04 8.09 -40.80
C ILE A 35 -3.01 6.98 -41.20
N PRO A 36 -2.61 5.71 -41.25
CA PRO A 36 -3.59 4.65 -41.56
C PRO A 36 -4.71 4.68 -40.53
N THR A 37 -5.96 4.52 -41.01
CA THR A 37 -7.10 4.67 -40.11
C THR A 37 -6.93 3.80 -38.86
N GLU A 38 -6.37 2.59 -39.03
CA GLU A 38 -6.27 1.66 -37.91
C GLU A 38 -5.21 2.08 -36.88
N GLU A 39 -4.44 3.13 -37.16
CA GLU A 39 -3.48 3.65 -36.20
C GLU A 39 -3.93 4.95 -35.55
N LEU A 40 -5.08 5.51 -35.94
CA LEU A 40 -5.47 6.79 -35.36
C LEU A 40 -5.65 6.70 -33.86
N VAL A 41 -6.20 5.60 -33.35
CA VAL A 41 -6.44 5.50 -31.90
C VAL A 41 -5.14 5.28 -31.13
N ASN A 42 -4.03 5.14 -31.84
CA ASN A 42 -2.71 5.11 -31.24
C ASN A 42 -2.02 6.48 -31.29
N ASN A 43 -2.69 7.50 -31.84
CA ASN A 43 -2.07 8.81 -32.04
C ASN A 43 -3.02 9.94 -31.71
N LEU A 44 -3.98 9.70 -30.83
CA LEU A 44 -4.97 10.74 -30.53
C LEU A 44 -4.35 11.98 -29.89
N PRO A 45 -3.23 11.91 -29.16
CA PRO A 45 -2.62 13.17 -28.67
C PRO A 45 -2.25 14.14 -29.77
N LEU A 46 -2.12 13.70 -31.03
CA LEU A 46 -1.86 14.66 -32.10
C LEU A 46 -2.98 15.69 -32.19
N PHE A 47 -4.19 15.30 -31.82
CA PHE A 47 -5.38 16.10 -32.03
C PHE A 47 -6.02 16.61 -30.74
N LEU A 48 -5.37 16.34 -29.60
CA LEU A 48 -5.84 16.70 -28.25
C LEU A 48 -5.16 17.99 -27.81
N ARG A 49 -5.85 19.12 -27.98
CA ARG A 49 -5.28 20.43 -27.67
C ARG A 49 -5.27 20.70 -26.17
N ARG A 50 -4.53 21.75 -25.78
CA ARG A 50 -4.35 22.13 -24.37
C ARG A 50 -5.63 22.04 -23.58
N HIS A 51 -6.69 22.68 -24.07
CA HIS A 51 -7.90 22.80 -23.27
C HIS A 51 -8.45 21.44 -22.93
N GLN A 52 -8.44 20.52 -23.90
CA GLN A 52 -8.96 19.18 -23.63
C GLN A 52 -7.96 18.33 -22.83
N MET A 53 -6.67 18.49 -23.10
CA MET A 53 -5.66 17.82 -22.29
C MET A 53 -5.80 18.19 -20.82
N THR A 54 -6.10 19.47 -20.55
CA THR A 54 -6.26 19.95 -19.18
C THR A 54 -7.40 19.20 -18.48
N ASP A 55 -8.53 19.04 -19.16
CA ASP A 55 -9.65 18.28 -18.60
C ASP A 55 -9.25 16.84 -18.26
N LEU A 56 -8.50 16.19 -19.15
CA LEU A 56 -8.03 14.83 -18.88
C LEU A 56 -7.12 14.80 -17.66
N LEU A 57 -6.17 15.73 -17.58
CA LEU A 57 -5.27 15.75 -16.43
C LEU A 57 -6.04 15.98 -15.14
N SER A 58 -7.08 16.83 -15.19
CA SER A 58 -7.94 17.06 -14.03
C SER A 58 -8.70 15.81 -13.61
N MET A 59 -9.28 15.06 -14.55
CA MET A 59 -9.96 13.83 -14.15
C MET A 59 -8.98 12.82 -13.56
N ASP A 60 -7.77 12.72 -14.11
CA ASP A 60 -6.76 11.87 -13.51
C ASP A 60 -6.43 12.29 -12.07
N ALA A 61 -6.30 13.60 -11.83
CA ALA A 61 -6.01 14.05 -10.49
C ALA A 61 -7.14 13.68 -9.52
N LEU A 62 -8.39 13.78 -9.94
CA LEU A 62 -9.48 13.43 -9.03
C LEU A 62 -9.51 11.93 -8.77
N TYR A 63 -9.33 11.14 -9.83
CA TYR A 63 -9.27 9.68 -9.70
C TYR A 63 -8.17 9.25 -8.73
N ARG A 64 -6.97 9.85 -8.87
CA ARG A 64 -5.88 9.45 -8.00
C ARG A 64 -6.18 9.75 -6.52
N GLN A 65 -7.05 10.72 -6.25
CA GLN A 65 -7.39 11.04 -4.87
C GLN A 65 -8.37 10.06 -4.24
N VAL A 66 -8.99 9.16 -5.01
CA VAL A 66 -9.92 8.20 -4.45
C VAL A 66 -9.45 6.76 -4.61
N LEU A 67 -8.19 6.55 -4.97
CA LEU A 67 -7.71 5.18 -5.11
C LEU A 67 -7.71 4.42 -3.78
N ASP A 68 -7.70 5.12 -2.64
CA ASP A 68 -7.80 4.46 -1.33
C ASP A 68 -9.16 4.68 -0.70
N VAL A 69 -10.18 4.97 -1.50
CA VAL A 69 -11.56 5.16 -1.05
C VAL A 69 -12.43 4.09 -1.69
N PRO A 70 -13.26 3.34 -0.94
CA PRO A 70 -14.15 2.35 -1.56
C PRO A 70 -15.26 3.02 -2.33
N GLY A 71 -15.92 2.24 -3.19
CA GLY A 71 -17.17 2.68 -3.79
C GLY A 71 -17.05 2.98 -5.28
N VAL A 72 -18.09 3.64 -5.78
CA VAL A 72 -18.29 3.81 -7.22
C VAL A 72 -18.01 5.26 -7.64
N ILE A 73 -17.98 5.47 -8.95
CA ILE A 73 -17.84 6.78 -9.58
C ILE A 73 -19.17 7.12 -10.24
N MET A 74 -19.72 8.29 -9.95
CA MET A 74 -20.96 8.75 -10.56
C MET A 74 -20.76 10.09 -11.23
N GLU A 75 -21.29 10.26 -12.45
CA GLU A 75 -21.35 11.55 -13.10
C GLU A 75 -22.80 11.89 -13.40
N PHE A 76 -23.20 13.10 -13.03
CA PHE A 76 -24.57 13.59 -13.17
C PHE A 76 -24.51 14.66 -14.25
N GLY A 77 -24.99 14.30 -15.45
CA GLY A 77 -24.80 15.12 -16.64
C GLY A 77 -23.54 14.71 -17.36
N VAL A 78 -23.64 13.98 -18.47
CA VAL A 78 -22.46 13.35 -19.06
C VAL A 78 -22.10 13.88 -20.43
N ARG A 79 -22.92 14.74 -21.03
CA ARG A 79 -22.66 15.30 -22.38
C ARG A 79 -22.48 14.13 -23.34
N PHE A 80 -21.40 14.07 -24.15
CA PHE A 80 -21.18 12.93 -25.03
C PHE A 80 -20.42 11.79 -24.35
N GLY A 81 -20.06 11.93 -23.08
CA GLY A 81 -19.41 10.86 -22.35
C GLY A 81 -17.91 10.98 -22.20
N ARG A 82 -17.34 12.15 -22.47
CA ARG A 82 -15.88 12.37 -22.37
C ARG A 82 -15.32 11.84 -21.06
N HIS A 83 -15.96 12.19 -19.94
CA HIS A 83 -15.41 11.84 -18.63
C HIS A 83 -15.58 10.34 -18.37
N LEU A 84 -16.67 9.77 -18.84
CA LEU A 84 -16.89 8.33 -18.66
C LEU A 84 -15.82 7.53 -19.37
N GLY A 85 -15.47 7.92 -20.60
CA GLY A 85 -14.39 7.22 -21.29
C GLY A 85 -13.07 7.39 -20.57
N THR A 86 -12.76 8.61 -20.14
CA THR A 86 -11.56 8.85 -19.35
C THR A 86 -11.52 7.96 -18.10
N PHE A 87 -12.64 7.89 -17.36
CA PHE A 87 -12.63 7.08 -16.14
C PHE A 87 -12.43 5.60 -16.48
N ALA A 88 -13.01 5.15 -17.60
CA ALA A 88 -12.87 3.74 -17.97
C ALA A 88 -11.42 3.39 -18.26
N ALA A 89 -10.70 4.30 -18.92
CA ALA A 89 -9.28 4.04 -19.22
C ALA A 89 -8.46 4.15 -17.93
N LEU A 90 -8.75 5.13 -17.10
CA LEU A 90 -7.99 5.31 -15.85
C LEU A 90 -8.22 4.16 -14.88
N ARG A 91 -9.44 3.60 -14.89
CA ARG A 91 -9.68 2.42 -14.07
C ARG A 91 -8.80 1.25 -14.52
N GLY A 92 -8.53 1.14 -15.82
CA GLY A 92 -7.56 0.16 -16.27
C GLY A 92 -6.15 0.47 -15.78
N VAL A 93 -5.75 1.73 -15.87
CA VAL A 93 -4.40 2.13 -15.47
C VAL A 93 -4.16 1.76 -14.01
N TYR A 94 -5.11 2.09 -13.14
CA TYR A 94 -4.88 2.10 -11.70
C TYR A 94 -5.50 0.91 -10.96
N GLU A 95 -6.53 0.26 -11.50
CA GLU A 95 -7.31 -0.71 -10.73
C GLU A 95 -7.71 -1.91 -11.57
N PRO A 96 -6.74 -2.61 -12.18
CA PRO A 96 -7.08 -3.85 -12.87
C PRO A 96 -7.84 -4.85 -12.02
N TYR A 97 -7.63 -4.84 -10.71
CA TYR A 97 -8.14 -5.89 -9.84
C TYR A 97 -9.33 -5.44 -8.99
N ASN A 98 -9.96 -4.32 -9.34
CA ASN A 98 -11.11 -3.80 -8.60
C ASN A 98 -12.36 -3.86 -9.46
N PRO A 99 -13.09 -4.97 -9.45
CA PRO A 99 -14.34 -5.05 -10.21
C PRO A 99 -15.51 -4.37 -9.56
N LEU A 100 -15.34 -3.84 -8.35
CA LEU A 100 -16.41 -3.12 -7.66
C LEU A 100 -16.42 -1.63 -7.96
N ARG A 101 -15.42 -1.12 -8.67
CA ARG A 101 -15.39 0.29 -9.03
C ARG A 101 -16.25 0.49 -10.28
N ARG A 102 -17.55 0.57 -10.05
CA ARG A 102 -18.53 0.80 -11.09
C ARG A 102 -18.50 2.27 -11.50
N ILE A 103 -18.73 2.51 -12.78
CA ILE A 103 -18.84 3.86 -13.33
C ILE A 103 -20.28 4.05 -13.75
N VAL A 104 -20.97 5.03 -13.16
CA VAL A 104 -22.40 5.22 -13.41
C VAL A 104 -22.59 6.62 -13.96
N GLY A 105 -23.18 6.71 -15.14
CA GLY A 105 -23.49 7.99 -15.75
C GLY A 105 -25.00 8.18 -15.80
N PHE A 106 -25.45 9.35 -15.33
CA PHE A 106 -26.87 9.71 -15.34
C PHE A 106 -27.08 10.88 -16.28
N ASP A 107 -28.06 10.76 -17.18
CA ASP A 107 -28.38 11.87 -18.06
C ASP A 107 -29.78 11.64 -18.60
N THR A 108 -30.43 12.73 -19.04
CA THR A 108 -31.66 12.56 -19.81
C THR A 108 -31.37 12.14 -21.25
N PHE A 109 -30.14 12.39 -21.73
CA PHE A 109 -29.78 12.07 -23.12
C PHE A 109 -30.77 12.69 -24.11
N THR A 110 -31.03 13.97 -23.92
CA THR A 110 -31.84 14.77 -24.84
C THR A 110 -31.23 16.15 -24.99
N GLY A 111 -29.93 16.20 -25.26
CA GLY A 111 -29.22 17.46 -25.39
C GLY A 111 -28.09 17.40 -26.40
N ARG A 129 -28.04 11.13 -41.78
N ARG A 129 -27.95 11.50 -41.40
CA ARG A 129 -26.88 10.56 -41.11
CA ARG A 129 -27.27 10.27 -41.80
C ARG A 129 -27.27 9.32 -40.30
C ARG A 129 -27.36 9.21 -40.70
N PHE A 130 -28.58 9.07 -40.18
CA PHE A 130 -29.09 7.87 -39.51
C PHE A 130 -29.02 7.94 -37.99
N ALA A 131 -30.18 8.17 -37.40
CA ALA A 131 -30.32 8.12 -35.96
C ALA A 131 -29.89 6.76 -35.41
N VAL A 132 -29.15 6.79 -34.32
CA VAL A 132 -28.64 5.54 -33.72
C VAL A 132 -29.80 4.74 -33.16
N PRO A 133 -29.95 3.45 -33.50
CA PRO A 133 -30.93 2.62 -32.79
C PRO A 133 -30.62 2.57 -31.29
N GLY A 134 -31.62 2.90 -30.48
CA GLY A 134 -31.41 3.02 -29.05
C GLY A 134 -30.89 4.37 -28.59
N GLY A 135 -30.69 5.32 -29.52
CA GLY A 135 -30.25 6.64 -29.16
C GLY A 135 -28.76 6.68 -28.82
N TYR A 136 -28.30 7.87 -28.48
CA TYR A 136 -26.89 8.04 -28.14
C TYR A 136 -26.42 7.08 -27.05
N PRO A 137 -27.21 6.79 -26.01
CA PRO A 137 -26.76 5.84 -24.99
C PRO A 137 -26.35 4.49 -25.53
N ALA A 138 -26.96 4.01 -26.61
CA ALA A 138 -26.55 2.73 -27.17
C ALA A 138 -25.13 2.81 -27.74
N TYR A 139 -24.81 3.93 -28.39
CA TYR A 139 -23.45 4.13 -28.88
C TYR A 139 -22.46 4.28 -27.73
N LEU A 140 -22.80 5.09 -26.73
CA LEU A 140 -21.86 5.31 -25.64
C LEU A 140 -21.61 4.01 -24.88
N LYS A 141 -22.63 3.17 -24.74
CA LYS A 141 -22.41 1.88 -24.11
C LYS A 141 -21.46 1.01 -24.94
N GLU A 142 -21.57 1.06 -26.27
CA GLU A 142 -20.63 0.31 -27.10
C GLU A 142 -19.20 0.76 -26.83
N VAL A 143 -19.01 2.07 -26.70
CA VAL A 143 -17.68 2.60 -26.42
C VAL A 143 -17.17 2.05 -25.10
N LEU A 144 -17.98 2.15 -24.04
CA LEU A 144 -17.54 1.66 -22.74
C LEU A 144 -17.29 0.16 -22.76
N ASP A 145 -18.13 -0.62 -23.46
CA ASP A 145 -17.89 -2.06 -23.58
C ASP A 145 -16.59 -2.34 -24.31
N ALA A 146 -16.23 -1.49 -25.27
CA ALA A 146 -14.99 -1.75 -25.99
C ALA A 146 -13.78 -1.61 -25.08
N HIS A 147 -13.80 -0.62 -24.17
CA HIS A 147 -12.72 -0.54 -23.19
C HIS A 147 -12.74 -1.76 -22.28
N GLU A 148 -13.93 -2.13 -21.82
CA GLU A 148 -14.04 -3.19 -20.84
C GLU A 148 -13.65 -4.56 -21.36
N CYS A 149 -13.70 -4.80 -22.68
CA CYS A 149 -13.43 -6.19 -23.08
C CYS A 149 -11.95 -6.55 -22.97
N SER A 150 -11.07 -5.61 -22.68
CA SER A 150 -9.67 -5.91 -22.38
C SER A 150 -9.32 -5.64 -20.92
N ASP A 151 -10.31 -5.37 -20.07
CA ASP A 151 -10.07 -5.25 -18.63
C ASP A 151 -9.77 -6.64 -18.04
N PHE A 152 -8.95 -6.65 -17.00
CA PHE A 152 -8.65 -7.90 -16.30
C PHE A 152 -9.91 -8.55 -15.75
N PHE A 153 -10.89 -7.76 -15.31
CA PHE A 153 -12.18 -8.27 -14.86
C PHE A 153 -13.28 -8.02 -15.88
N GLY A 154 -12.94 -8.06 -17.16
CA GLY A 154 -13.94 -7.81 -18.18
C GLY A 154 -15.04 -8.86 -18.27
N HIS A 155 -14.90 -10.00 -17.58
CA HIS A 155 -15.97 -11.00 -17.54
C HIS A 155 -17.08 -10.63 -16.54
N VAL A 156 -16.85 -9.65 -15.70
CA VAL A 156 -17.88 -9.18 -14.76
C VAL A 156 -18.64 -8.05 -15.44
N THR A 157 -19.95 -8.20 -15.51
CA THR A 157 -20.77 -7.22 -16.20
C THR A 157 -21.22 -6.09 -15.30
N GLN A 158 -21.85 -5.09 -15.92
CA GLN A 158 -22.43 -3.96 -15.22
C GLN A 158 -21.38 -3.19 -14.41
N ARG A 159 -20.17 -3.13 -14.95
CA ARG A 159 -19.16 -2.30 -14.34
C ARG A 159 -19.19 -0.88 -14.89
N SER A 160 -19.92 -0.67 -15.99
N SER A 160 -19.95 -0.65 -15.97
CA SER A 160 -20.32 0.64 -16.49
CA SER A 160 -20.31 0.70 -16.38
C SER A 160 -21.83 0.60 -16.66
C SER A 160 -21.78 0.67 -16.73
N VAL A 161 -22.50 1.68 -16.26
CA VAL A 161 -23.95 1.74 -16.32
C VAL A 161 -24.35 3.14 -16.77
N LEU A 162 -25.19 3.22 -17.79
CA LEU A 162 -25.81 4.47 -18.21
C LEU A 162 -27.28 4.46 -17.77
N VAL A 163 -27.68 5.48 -17.01
CA VAL A 163 -29.03 5.57 -16.46
C VAL A 163 -29.71 6.76 -17.11
N GLU A 164 -30.76 6.48 -17.89
N GLU A 164 -30.73 6.49 -17.93
CA GLU A 164 -31.43 7.47 -18.70
CA GLU A 164 -31.39 7.51 -18.72
C GLU A 164 -32.65 7.98 -17.95
C GLU A 164 -32.65 7.99 -17.99
N GLY A 165 -32.83 9.30 -17.92
CA GLY A 165 -34.00 9.92 -17.33
C GLY A 165 -33.63 11.10 -16.45
N ASP A 166 -34.64 11.63 -15.76
CA ASP A 166 -34.50 12.78 -14.87
C ASP A 166 -33.85 12.34 -13.55
N VAL A 167 -32.72 12.97 -13.22
CA VAL A 167 -31.96 12.55 -12.04
C VAL A 167 -32.76 12.69 -10.75
N ARG A 168 -33.76 13.56 -10.72
N ARG A 168 -33.76 13.57 -10.71
CA ARG A 168 -34.61 13.68 -9.54
CA ARG A 168 -34.60 13.68 -9.53
C ARG A 168 -35.31 12.37 -9.23
C ARG A 168 -35.30 12.36 -9.23
N GLU A 169 -35.61 11.57 -10.26
CA GLU A 169 -36.14 10.22 -10.11
C GLU A 169 -35.08 9.13 -10.20
N THR A 170 -34.17 9.20 -11.17
CA THR A 170 -33.31 8.05 -11.42
C THR A 170 -32.22 7.85 -10.35
N VAL A 171 -31.72 8.91 -9.74
CA VAL A 171 -30.66 8.77 -8.75
C VAL A 171 -31.25 8.12 -7.50
N PRO A 172 -32.39 8.59 -6.96
CA PRO A 172 -32.96 7.85 -5.83
C PRO A 172 -33.28 6.42 -6.17
N ARG A 173 -33.76 6.17 -7.40
CA ARG A 173 -34.11 4.80 -7.75
C ARG A 173 -32.87 3.93 -7.87
N TYR A 174 -31.81 4.45 -8.47
CA TYR A 174 -30.57 3.69 -8.53
C TYR A 174 -30.10 3.32 -7.12
N LEU A 175 -30.14 4.28 -6.18
CA LEU A 175 -29.64 3.98 -4.84
C LEU A 175 -30.52 2.98 -4.12
N ALA A 176 -31.84 3.07 -4.32
CA ALA A 176 -32.75 2.09 -3.74
C ALA A 176 -32.48 0.69 -4.29
N GLU A 177 -32.14 0.58 -5.57
CA GLU A 177 -31.82 -0.69 -6.18
C GLU A 177 -30.42 -1.19 -5.80
N ASN A 178 -29.57 -0.33 -5.26
CA ASN A 178 -28.18 -0.68 -4.97
C ASN A 178 -27.80 -0.26 -3.55
N PRO A 179 -28.39 -0.93 -2.55
CA PRO A 179 -28.12 -0.57 -1.15
C PRO A 179 -26.69 -0.86 -0.69
N GLN A 180 -25.90 -1.61 -1.47
CA GLN A 180 -24.46 -1.74 -1.22
C GLN A 180 -23.66 -0.49 -1.57
N THR A 181 -24.27 0.55 -2.13
CA THR A 181 -23.50 1.63 -2.72
C THR A 181 -22.66 2.35 -1.68
N VAL A 182 -21.39 2.58 -2.02
CA VAL A 182 -20.60 3.67 -1.46
C VAL A 182 -20.16 4.52 -2.65
N ILE A 183 -20.13 5.84 -2.47
CA ILE A 183 -19.75 6.77 -3.53
C ILE A 183 -18.40 7.34 -3.19
N ALA A 184 -17.38 7.00 -4.00
CA ALA A 184 -16.04 7.54 -3.87
C ALA A 184 -15.88 8.88 -4.57
N LEU A 185 -16.51 9.04 -5.73
CA LEU A 185 -16.40 10.26 -6.52
C LEU A 185 -17.73 10.57 -7.16
N ALA A 186 -18.22 11.79 -6.93
CA ALA A 186 -19.50 12.30 -7.44
C ALA A 186 -19.22 13.58 -8.21
N TYR A 187 -19.47 13.56 -9.53
CA TYR A 187 -19.10 14.62 -10.45
C TYR A 187 -20.39 15.26 -11.00
N PHE A 188 -20.59 16.54 -10.66
CA PHE A 188 -21.81 17.27 -10.98
C PHE A 188 -21.63 18.14 -12.22
N ASP A 189 -22.45 17.91 -13.24
CA ASP A 189 -22.50 18.77 -14.43
C ASP A 189 -23.96 18.92 -14.89
N LEU A 190 -24.83 19.27 -13.93
CA LEU A 190 -26.27 19.37 -14.14
C LEU A 190 -26.75 20.79 -14.44
N ASP A 191 -25.94 21.82 -14.19
CA ASP A 191 -26.26 23.22 -14.48
C ASP A 191 -27.34 23.85 -13.59
N LEU A 192 -28.41 23.13 -13.29
CA LEU A 192 -29.63 23.75 -12.75
C LEU A 192 -29.86 23.42 -11.28
N TYR A 193 -30.60 24.34 -10.62
CA TYR A 193 -30.83 24.29 -9.18
C TYR A 193 -31.53 23.01 -8.73
N GLU A 194 -32.71 22.73 -9.27
CA GLU A 194 -33.52 21.63 -8.74
C GLU A 194 -32.84 20.28 -8.86
N PRO A 195 -32.35 19.85 -10.01
CA PRO A 195 -31.62 18.57 -10.06
C PRO A 195 -30.35 18.55 -9.22
N THR A 196 -29.58 19.65 -9.16
CA THR A 196 -28.39 19.63 -8.30
C THR A 196 -28.78 19.44 -6.84
N LYS A 197 -29.78 20.18 -6.38
CA LYS A 197 -30.26 20.05 -5.01
C LYS A 197 -30.74 18.62 -4.72
N ALA A 198 -31.56 18.07 -5.62
CA ALA A 198 -32.11 16.75 -5.39
C ALA A 198 -31.01 15.69 -5.30
N VAL A 199 -30.00 15.78 -6.16
CA VAL A 199 -28.96 14.78 -6.17
C VAL A 199 -28.04 14.93 -4.95
N LEU A 200 -27.66 16.16 -4.61
CA LEU A 200 -26.87 16.37 -3.40
C LEU A 200 -27.57 15.75 -2.21
N GLU A 201 -28.88 15.95 -2.08
CA GLU A 201 -29.60 15.38 -0.95
C GLU A 201 -29.63 13.85 -1.03
N ALA A 202 -29.69 13.30 -2.24
CA ALA A 202 -29.83 11.85 -2.35
C ALA A 202 -28.52 11.11 -2.05
N ILE A 203 -27.38 11.67 -2.49
CA ILE A 203 -26.14 10.93 -2.38
C ILE A 203 -25.52 11.01 -0.99
N ARG A 204 -25.95 11.96 -0.15
CA ARG A 204 -25.23 12.21 1.10
C ARG A 204 -25.04 10.97 1.97
N PRO A 205 -26.05 10.11 2.18
CA PRO A 205 -25.84 8.92 3.02
C PRO A 205 -24.82 7.91 2.50
N TYR A 206 -24.37 8.05 1.25
CA TYR A 206 -23.49 7.07 0.64
C TYR A 206 -22.04 7.56 0.55
N LEU A 207 -21.74 8.75 1.05
CA LEU A 207 -20.38 9.27 1.06
C LEU A 207 -19.68 8.83 2.33
N THR A 208 -18.37 8.68 2.26
CA THR A 208 -17.57 8.52 3.45
C THR A 208 -16.65 9.73 3.57
N LYS A 209 -16.01 9.89 4.71
CA LYS A 209 -14.99 10.92 4.82
C LYS A 209 -13.87 10.54 3.87
N GLY A 210 -13.52 11.47 2.99
CA GLY A 210 -12.57 11.25 1.93
C GLY A 210 -13.20 11.11 0.55
N SER A 211 -14.50 10.82 0.46
CA SER A 211 -15.17 10.85 -0.83
C SER A 211 -15.02 12.24 -1.44
N ILE A 212 -14.93 12.30 -2.77
CA ILE A 212 -14.78 13.57 -3.47
C ILE A 212 -16.10 13.96 -4.11
N VAL A 213 -16.50 15.21 -3.91
CA VAL A 213 -17.64 15.81 -4.57
C VAL A 213 -17.12 16.96 -5.40
N ALA A 214 -17.33 16.89 -6.71
CA ALA A 214 -16.78 17.84 -7.67
C ALA A 214 -17.87 18.46 -8.51
N PHE A 215 -17.64 19.72 -8.90
CA PHE A 215 -18.62 20.52 -9.62
C PHE A 215 -17.98 21.11 -10.87
N ASP A 216 -18.71 21.04 -11.97
CA ASP A 216 -18.20 21.51 -13.25
C ASP A 216 -18.40 23.01 -13.44
N GLU A 217 -19.35 23.63 -12.75
CA GLU A 217 -19.63 25.06 -12.97
C GLU A 217 -20.16 25.72 -11.70
N LEU A 218 -19.48 25.48 -10.57
CA LEU A 218 -19.99 25.98 -9.31
C LEU A 218 -20.04 27.50 -9.27
N ASP A 219 -19.05 28.16 -9.86
CA ASP A 219 -18.90 29.61 -9.69
C ASP A 219 -18.97 30.32 -11.03
N ASN A 220 -19.71 29.74 -11.94
CA ASN A 220 -19.78 30.22 -13.29
C ASN A 220 -21.01 31.12 -13.49
N PRO A 221 -20.86 32.38 -13.88
CA PRO A 221 -22.03 33.25 -14.04
C PRO A 221 -23.12 32.71 -14.95
N LYS A 222 -22.79 31.83 -15.89
CA LYS A 222 -23.80 31.34 -16.81
C LYS A 222 -24.78 30.36 -16.14
N TRP A 223 -24.39 29.72 -15.05
CA TRP A 223 -25.13 28.60 -14.47
C TRP A 223 -25.19 28.73 -12.95
N PRO A 224 -25.82 29.78 -12.43
CA PRO A 224 -25.77 30.02 -10.98
C PRO A 224 -26.51 28.97 -10.15
N GLY A 225 -27.33 28.12 -10.77
CA GLY A 225 -28.19 27.24 -9.98
C GLY A 225 -27.40 26.22 -9.18
N GLU A 226 -26.25 25.82 -9.68
CA GLU A 226 -25.39 24.90 -8.97
C GLU A 226 -24.94 25.46 -7.63
N ASN A 227 -24.49 26.71 -7.63
CA ASN A 227 -24.07 27.36 -6.40
C ASN A 227 -25.25 27.58 -5.47
N ILE A 228 -26.38 28.03 -6.02
CA ILE A 228 -27.57 28.22 -5.19
C ILE A 228 -27.94 26.92 -4.48
N ALA A 229 -27.93 25.79 -5.20
CA ALA A 229 -28.22 24.50 -4.56
C ALA A 229 -27.18 24.13 -3.49
N MET A 230 -25.90 24.33 -3.78
CA MET A 230 -24.86 24.00 -2.82
C MET A 230 -25.03 24.82 -1.55
N ARG A 231 -25.26 26.13 -1.70
CA ARG A 231 -25.51 26.96 -0.52
C ARG A 231 -26.77 26.52 0.22
N LYS A 232 -27.79 26.04 -0.52
CA LYS A 232 -29.03 25.60 0.12
C LYS A 232 -28.82 24.33 0.95
N VAL A 233 -28.20 23.31 0.36
CA VAL A 233 -28.15 21.99 0.99
C VAL A 233 -27.04 21.91 2.04
N LEU A 234 -25.86 22.45 1.75
CA LEU A 234 -24.67 22.24 2.58
C LEU A 234 -24.03 23.52 3.08
N GLY A 235 -24.04 24.58 2.28
CA GLY A 235 -23.23 25.75 2.55
C GLY A 235 -21.86 25.64 1.86
N LEU A 236 -21.34 26.75 1.36
CA LEU A 236 -20.04 26.71 0.67
C LEU A 236 -18.89 26.42 1.63
N ASP A 237 -19.08 26.60 2.93
CA ASP A 237 -18.03 26.25 3.90
C ASP A 237 -18.32 24.95 4.63
N HIS A 238 -19.17 24.08 4.07
CA HIS A 238 -19.39 22.77 4.69
C HIS A 238 -18.08 21.96 4.69
N ALA A 239 -17.27 22.14 3.67
CA ALA A 239 -16.01 21.47 3.47
C ALA A 239 -15.18 22.40 2.62
N PRO A 240 -13.88 22.13 2.46
CA PRO A 240 -13.03 23.08 1.73
C PRO A 240 -13.13 22.85 0.23
N LEU A 241 -13.67 23.82 -0.50
CA LEU A 241 -13.71 23.73 -1.94
C LEU A 241 -12.36 24.14 -2.51
N ARG A 242 -11.84 23.30 -3.42
CA ARG A 242 -10.55 23.50 -4.04
C ARG A 242 -10.64 23.51 -5.56
N LEU A 243 -9.69 24.22 -6.15
CA LEU A 243 -9.33 24.12 -7.56
C LEU A 243 -8.03 23.33 -7.70
N LEU A 244 -7.86 22.68 -8.83
CA LEU A 244 -6.53 22.33 -9.31
C LEU A 244 -5.86 23.60 -9.85
N PRO A 245 -4.72 24.04 -9.29
CA PRO A 245 -4.24 25.39 -9.61
C PRO A 245 -4.12 25.62 -11.11
N GLY A 246 -4.57 26.80 -11.54
CA GLY A 246 -4.52 27.21 -12.92
C GLY A 246 -5.75 26.86 -13.71
N ARG A 247 -6.70 26.16 -13.13
CA ARG A 247 -7.83 25.64 -13.86
C ARG A 247 -9.11 26.15 -13.20
N PRO A 248 -10.00 26.84 -13.90
CA PRO A 248 -11.19 27.40 -13.23
C PRO A 248 -12.16 26.35 -12.76
N ALA A 249 -12.12 25.17 -13.34
CA ALA A 249 -12.99 24.05 -12.97
C ALA A 249 -12.18 22.78 -13.19
N PRO A 250 -12.53 21.70 -12.47
CA PRO A 250 -13.61 21.60 -11.49
C PRO A 250 -13.26 22.23 -10.14
N ALA A 251 -14.30 22.52 -9.38
CA ALA A 251 -14.18 22.84 -7.96
C ALA A 251 -14.58 21.59 -7.21
N TYR A 252 -13.77 21.16 -6.23
CA TYR A 252 -14.03 19.86 -5.61
C TYR A 252 -13.72 19.93 -4.12
N LEU A 253 -14.43 19.11 -3.35
CA LEU A 253 -14.20 19.03 -1.90
C LEU A 253 -14.02 17.57 -1.50
N ARG A 254 -13.28 17.37 -0.40
CA ARG A 254 -13.15 16.07 0.26
C ARG A 254 -14.13 16.05 1.43
N TRP A 255 -15.11 15.15 1.34
CA TRP A 255 -16.15 15.03 2.34
C TRP A 255 -15.54 14.85 3.73
N GLY A 256 -16.00 15.65 4.69
CA GLY A 256 -15.55 15.57 6.07
C GLY A 256 -14.38 16.47 6.44
N ASP A 257 -13.75 17.13 5.49
N ASP A 257 -13.75 17.06 5.44
CA ASP A 257 -12.58 17.93 5.80
CA ASP A 257 -12.62 17.90 5.71
C ASP A 257 -12.95 19.32 6.32
C ASP A 257 -13.15 19.26 6.16
N GLN B 7 34.37 -28.85 16.61
CA GLN B 7 33.33 -27.87 16.36
C GLN B 7 32.04 -28.27 17.06
N ASP B 8 31.38 -27.28 17.65
CA ASP B 8 30.08 -27.48 18.29
C ASP B 8 28.99 -27.11 17.29
N LEU B 9 28.23 -28.12 16.84
CA LEU B 9 27.16 -27.86 15.89
C LEU B 9 26.03 -27.04 16.49
N ARG B 10 25.98 -26.92 17.82
CA ARG B 10 24.96 -26.09 18.46
C ARG B 10 25.20 -24.61 18.26
N ALA B 11 26.41 -24.20 17.87
CA ALA B 11 26.68 -22.80 17.54
C ALA B 11 26.19 -22.40 16.15
N PHE B 12 25.73 -23.36 15.36
CA PHE B 12 25.04 -23.05 14.11
C PHE B 12 23.53 -22.96 14.37
N VAL B 13 22.86 -22.10 13.62
CA VAL B 13 21.42 -21.97 13.74
C VAL B 13 20.76 -23.29 13.40
N HIS B 14 19.81 -23.72 14.23
CA HIS B 14 19.06 -24.95 14.00
C HIS B 14 17.71 -24.81 14.70
N ASP B 15 16.76 -25.67 14.33
CA ASP B 15 15.40 -25.56 14.85
C ASP B 15 15.35 -25.99 16.30
N SER B 16 14.61 -25.25 17.12
CA SER B 16 14.26 -25.72 18.45
C SER B 16 13.31 -26.93 18.34
N PRO B 17 13.18 -27.71 19.41
CA PRO B 17 12.16 -28.77 19.39
C PRO B 17 10.76 -28.25 19.12
N GLU B 18 10.44 -27.06 19.64
CA GLU B 18 9.11 -26.47 19.45
C GLU B 18 8.89 -26.10 17.99
N GLU B 19 9.93 -25.60 17.31
CA GLU B 19 9.80 -25.27 15.90
C GLU B 19 9.61 -26.52 15.06
N THR B 20 10.37 -27.60 15.37
CA THR B 20 10.16 -28.88 14.70
C THR B 20 8.74 -29.40 14.92
N GLU B 21 8.25 -29.33 16.17
CA GLU B 21 6.90 -29.79 16.49
C GLU B 21 5.84 -29.03 15.68
N THR B 22 5.94 -27.70 15.63
CA THR B 22 4.99 -26.92 14.84
C THR B 22 4.99 -27.37 13.39
N THR B 23 6.19 -27.55 12.83
CA THR B 23 6.34 -27.89 11.42
C THR B 23 5.72 -29.26 11.15
N GLN B 24 6.01 -30.24 11.99
CA GLN B 24 5.45 -31.57 11.81
C GLN B 24 3.93 -31.56 11.98
N ARG B 25 3.43 -30.85 12.99
CA ARG B 25 1.98 -30.77 13.18
C ARG B 25 1.29 -30.15 11.99
N LEU B 26 1.83 -29.02 11.48
CA LEU B 26 1.17 -28.36 10.36
C LEU B 26 1.23 -29.23 9.10
N THR B 27 2.32 -30.00 8.92
CA THR B 27 2.39 -30.94 7.80
C THR B 27 1.25 -31.95 7.87
N LYS B 28 1.00 -32.47 9.07
CA LYS B 28 -0.04 -33.47 9.23
C LYS B 28 -1.40 -32.87 8.98
N LEU B 29 -1.61 -31.63 9.44
CA LEU B 29 -2.91 -30.99 9.29
C LEU B 29 -3.16 -30.56 7.84
N LEU B 30 -2.10 -30.24 7.10
CA LEU B 30 -2.23 -29.96 5.67
C LEU B 30 -2.67 -31.19 4.90
N THR B 31 -2.03 -32.32 5.17
CA THR B 31 -2.21 -33.52 4.38
C THR B 31 -3.36 -34.38 4.85
N ASN B 32 -3.88 -34.13 6.06
CA ASN B 32 -5.09 -34.81 6.53
C ASN B 32 -6.16 -33.76 6.83
N SER B 33 -6.51 -32.97 5.83
CA SER B 33 -7.37 -31.84 6.13
C SER B 33 -8.82 -32.13 5.74
N PRO B 34 -9.79 -31.77 6.58
CA PRO B 34 -11.20 -31.85 6.16
C PRO B 34 -11.60 -30.77 5.16
N ILE B 35 -10.75 -29.79 4.91
CA ILE B 35 -11.03 -28.81 3.84
C ILE B 35 -11.16 -29.55 2.51
N PRO B 36 -12.11 -29.19 1.64
CA PRO B 36 -12.16 -29.85 0.33
C PRO B 36 -10.88 -29.65 -0.45
N THR B 37 -10.51 -30.69 -1.20
CA THR B 37 -9.22 -30.70 -1.89
C THR B 37 -9.03 -29.45 -2.74
N GLU B 38 -10.07 -29.06 -3.49
CA GLU B 38 -9.98 -27.90 -4.37
C GLU B 38 -10.01 -26.57 -3.61
N GLU B 39 -10.08 -26.57 -2.27
CA GLU B 39 -10.03 -25.35 -1.50
C GLU B 39 -8.74 -25.22 -0.71
N LEU B 40 -7.87 -26.24 -0.71
CA LEU B 40 -6.63 -26.14 0.05
C LEU B 40 -5.81 -24.91 -0.36
N VAL B 41 -5.67 -24.68 -1.65
CA VAL B 41 -4.83 -23.58 -2.11
C VAL B 41 -5.51 -22.23 -1.90
N ASN B 42 -6.71 -22.23 -1.29
CA ASN B 42 -7.32 -21.00 -0.82
C ASN B 42 -7.13 -20.81 0.67
N ASN B 43 -6.39 -21.69 1.33
CA ASN B 43 -6.25 -21.63 2.78
C ASN B 43 -4.84 -21.96 3.24
N LEU B 44 -3.85 -21.79 2.38
CA LEU B 44 -2.49 -22.15 2.76
C LEU B 44 -1.97 -21.39 3.98
N PRO B 45 -2.40 -20.16 4.27
CA PRO B 45 -1.92 -19.48 5.50
C PRO B 45 -2.27 -20.22 6.79
N LEU B 46 -3.24 -21.14 6.75
CA LEU B 46 -3.45 -22.01 7.92
C LEU B 46 -2.18 -22.75 8.28
N PHE B 47 -1.33 -23.02 7.30
CA PHE B 47 -0.19 -23.91 7.46
C PHE B 47 1.15 -23.18 7.33
N LEU B 48 1.12 -21.86 7.20
CA LEU B 48 2.30 -21.01 7.02
C LEU B 48 2.71 -20.44 8.38
N ARG B 49 3.71 -21.04 9.00
CA ARG B 49 4.10 -20.67 10.35
C ARG B 49 4.98 -19.40 10.35
N ARG B 50 5.15 -18.83 11.55
CA ARG B 50 5.93 -17.61 11.70
C ARG B 50 7.18 -17.58 10.84
N HIS B 51 8.03 -18.58 11.00
CA HIS B 51 9.34 -18.55 10.33
C HIS B 51 9.19 -18.42 8.83
N GLN B 52 8.25 -19.16 8.22
CA GLN B 52 8.05 -19.05 6.78
C GLN B 52 7.28 -17.79 6.40
N MET B 53 6.34 -17.34 7.24
CA MET B 53 5.68 -16.06 6.99
C MET B 53 6.70 -14.93 6.91
N THR B 54 7.71 -14.96 7.78
CA THR B 54 8.73 -13.93 7.82
C THR B 54 9.51 -13.88 6.51
N ASP B 55 9.83 -15.04 5.94
CA ASP B 55 10.52 -15.07 4.64
C ASP B 55 9.67 -14.41 3.56
N LEU B 56 8.37 -14.69 3.59
CA LEU B 56 7.48 -14.10 2.59
C LEU B 56 7.45 -12.58 2.72
N LEU B 57 7.27 -12.07 3.94
CA LEU B 57 7.21 -10.63 4.14
C LEU B 57 8.52 -9.96 3.73
N SER B 58 9.65 -10.63 3.96
CA SER B 58 10.94 -10.09 3.54
C SER B 58 11.06 -10.00 2.02
N MET B 59 10.60 -11.03 1.29
CA MET B 59 10.68 -10.98 -0.16
C MET B 59 9.76 -9.89 -0.70
N ASP B 60 8.59 -9.72 -0.06
CA ASP B 60 7.71 -8.63 -0.44
C ASP B 60 8.37 -7.27 -0.20
N ALA B 61 9.09 -7.12 0.92
CA ALA B 61 9.75 -5.85 1.18
C ALA B 61 10.84 -5.57 0.15
N LEU B 62 11.61 -6.59 -0.25
CA LEU B 62 12.61 -6.36 -1.27
C LEU B 62 11.95 -5.99 -2.60
N TYR B 63 10.93 -6.75 -3.03
CA TYR B 63 10.23 -6.45 -4.28
C TYR B 63 9.71 -5.01 -4.30
N ARG B 64 9.08 -4.56 -3.20
CA ARG B 64 8.54 -3.22 -3.15
C ARG B 64 9.62 -2.17 -3.30
N GLN B 65 10.87 -2.50 -2.99
CA GLN B 65 11.92 -1.50 -3.19
C GLN B 65 12.40 -1.41 -4.63
N VAL B 66 11.97 -2.29 -5.55
CA VAL B 66 12.44 -2.20 -6.92
C VAL B 66 11.30 -1.96 -7.92
N LEU B 67 10.12 -1.59 -7.42
CA LEU B 67 8.99 -1.29 -8.30
C LEU B 67 9.24 -0.10 -9.21
N ASP B 68 10.13 0.83 -8.82
CA ASP B 68 10.51 1.91 -9.72
C ASP B 68 11.90 1.71 -10.35
N VAL B 69 12.41 0.48 -10.39
CA VAL B 69 13.69 0.15 -10.99
C VAL B 69 13.47 -0.76 -12.20
N PRO B 70 14.01 -0.45 -13.39
CA PRO B 70 13.83 -1.35 -14.53
C PRO B 70 14.59 -2.65 -14.34
N GLY B 71 14.24 -3.65 -15.15
CA GLY B 71 15.02 -4.86 -15.26
C GLY B 71 14.37 -6.10 -14.66
N VAL B 72 15.22 -7.10 -14.41
CA VAL B 72 14.75 -8.45 -14.10
C VAL B 72 15.09 -8.80 -12.66
N ILE B 73 14.55 -9.94 -12.23
CA ILE B 73 14.82 -10.51 -10.91
C ILE B 73 15.59 -11.80 -11.14
N MET B 74 16.73 -11.93 -10.48
CA MET B 74 17.52 -13.16 -10.56
C MET B 74 17.74 -13.75 -9.17
N GLU B 75 17.59 -15.08 -9.06
CA GLU B 75 17.97 -15.81 -7.85
C GLU B 75 19.03 -16.86 -8.21
N PHE B 76 20.12 -16.86 -7.44
CA PHE B 76 21.29 -17.71 -7.65
C PHE B 76 21.26 -18.69 -6.50
N GLY B 77 20.81 -19.93 -6.78
CA GLY B 77 20.52 -20.95 -5.77
C GLY B 77 19.07 -20.88 -5.35
N VAL B 78 18.22 -21.80 -5.80
CA VAL B 78 16.76 -21.64 -5.65
C VAL B 78 16.12 -22.69 -4.75
N ARG B 79 16.86 -23.69 -4.32
CA ARG B 79 16.35 -24.74 -3.42
C ARG B 79 15.17 -25.40 -4.13
N PHE B 80 13.99 -25.48 -3.53
CA PHE B 80 12.83 -26.05 -4.21
C PHE B 80 12.04 -25.02 -5.02
N GLY B 81 12.42 -23.74 -4.99
CA GLY B 81 11.74 -22.68 -5.73
C GLY B 81 10.86 -21.77 -4.90
N ARG B 82 10.99 -21.82 -3.56
CA ARG B 82 10.13 -21.03 -2.68
C ARG B 82 10.12 -19.55 -3.10
N HIS B 83 11.28 -18.97 -3.30
CA HIS B 83 11.30 -17.54 -3.61
C HIS B 83 10.76 -17.27 -5.00
N LEU B 84 10.97 -18.19 -5.96
CA LEU B 84 10.50 -17.95 -7.32
C LEU B 84 8.99 -17.93 -7.37
N GLY B 85 8.33 -18.82 -6.62
CA GLY B 85 6.89 -18.77 -6.53
C GLY B 85 6.41 -17.49 -5.87
N THR B 86 7.08 -17.07 -4.80
CA THR B 86 6.76 -15.80 -4.15
C THR B 86 6.84 -14.66 -5.15
N PHE B 87 7.95 -14.56 -5.89
CA PHE B 87 8.13 -13.47 -6.84
C PHE B 87 7.06 -13.51 -7.93
N ALA B 88 6.68 -14.72 -8.37
CA ALA B 88 5.67 -14.85 -9.41
C ALA B 88 4.32 -14.31 -8.94
N ALA B 89 3.96 -14.59 -7.69
CA ALA B 89 2.71 -14.05 -7.17
C ALA B 89 2.80 -12.54 -6.96
N LEU B 90 3.92 -12.06 -6.40
CA LEU B 90 4.05 -10.64 -6.14
C LEU B 90 4.05 -9.82 -7.43
N ARG B 91 4.68 -10.35 -8.49
CA ARG B 91 4.64 -9.70 -9.79
C ARG B 91 3.22 -9.49 -10.26
N GLY B 92 2.33 -10.45 -9.97
CA GLY B 92 0.93 -10.26 -10.24
C GLY B 92 0.32 -9.17 -9.38
N VAL B 93 0.68 -9.13 -8.09
CA VAL B 93 0.10 -8.14 -7.20
C VAL B 93 0.46 -6.73 -7.68
N TYR B 94 1.73 -6.52 -8.06
CA TYR B 94 2.24 -5.17 -8.23
C TYR B 94 2.44 -4.75 -9.67
N GLU B 95 2.52 -5.70 -10.59
CA GLU B 95 2.98 -5.43 -11.95
C GLU B 95 2.22 -6.19 -13.02
N PRO B 96 0.90 -6.14 -13.00
CA PRO B 96 0.13 -6.75 -14.10
C PRO B 96 0.56 -6.29 -15.48
N TYR B 97 1.05 -5.05 -15.62
CA TYR B 97 1.31 -4.51 -16.95
C TYR B 97 2.79 -4.50 -17.31
N ASN B 98 3.64 -5.21 -16.59
CA ASN B 98 5.08 -5.18 -16.87
C ASN B 98 5.53 -6.54 -17.38
N PRO B 99 5.51 -6.79 -18.70
CA PRO B 99 5.93 -8.09 -19.22
C PRO B 99 7.45 -8.25 -19.30
N LEU B 100 8.19 -7.20 -18.98
CA LEU B 100 9.65 -7.24 -19.03
C LEU B 100 10.29 -7.64 -17.70
N ARG B 101 9.50 -7.73 -16.61
CA ARG B 101 10.00 -8.20 -15.32
C ARG B 101 10.12 -9.72 -15.34
N ARG B 102 11.18 -10.18 -16.00
CA ARG B 102 11.50 -11.60 -16.05
C ARG B 102 12.05 -12.05 -14.71
N ILE B 103 11.69 -13.28 -14.35
CA ILE B 103 12.22 -13.97 -13.18
C ILE B 103 13.12 -15.10 -13.67
N VAL B 104 14.39 -15.04 -13.29
CA VAL B 104 15.37 -16.01 -13.73
C VAL B 104 15.96 -16.72 -12.51
N GLY B 105 15.85 -18.04 -12.48
CA GLY B 105 16.41 -18.86 -11.42
C GLY B 105 17.54 -19.71 -11.96
N PHE B 106 18.68 -19.65 -11.27
CA PHE B 106 19.88 -20.41 -11.63
C PHE B 106 20.17 -21.43 -10.53
N ASP B 107 20.37 -22.69 -10.92
CA ASP B 107 20.71 -23.73 -9.95
C ASP B 107 21.31 -24.91 -10.71
N THR B 108 22.09 -25.73 -10.00
CA THR B 108 22.50 -27.01 -10.56
C THR B 108 21.38 -28.04 -10.52
N PHE B 109 20.41 -27.85 -9.64
CA PHE B 109 19.29 -28.79 -9.48
C PHE B 109 19.79 -30.21 -9.22
N THR B 110 20.69 -30.34 -8.26
CA THR B 110 21.20 -31.66 -7.89
C THR B 110 20.77 -32.05 -6.48
N VAL B 132 17.37 -32.39 -4.98
CA VAL B 132 16.05 -32.47 -5.57
C VAL B 132 15.95 -33.67 -6.52
N PRO B 133 14.73 -34.15 -6.75
CA PRO B 133 14.54 -35.22 -7.72
C PRO B 133 15.01 -34.82 -9.12
N GLY B 134 15.31 -35.83 -9.93
CA GLY B 134 15.56 -35.59 -11.33
C GLY B 134 14.30 -35.11 -12.03
N GLY B 135 14.47 -34.18 -12.97
CA GLY B 135 13.32 -33.56 -13.60
C GLY B 135 12.60 -32.57 -12.71
N TYR B 136 13.26 -32.13 -11.65
CA TYR B 136 12.65 -31.11 -10.81
C TYR B 136 12.48 -29.81 -11.57
N PRO B 137 13.43 -29.35 -12.37
CA PRO B 137 13.21 -28.11 -13.12
C PRO B 137 11.93 -28.12 -13.95
N ALA B 138 11.55 -29.27 -14.52
CA ALA B 138 10.33 -29.31 -15.31
C ALA B 138 9.10 -29.11 -14.43
N TYR B 139 9.11 -29.69 -13.23
CA TYR B 139 8.01 -29.49 -12.31
C TYR B 139 7.91 -28.03 -11.88
N LEU B 140 9.04 -27.45 -11.49
CA LEU B 140 9.03 -26.06 -11.07
C LEU B 140 8.57 -25.14 -12.19
N LYS B 141 8.97 -25.44 -13.41
CA LYS B 141 8.51 -24.65 -14.54
C LYS B 141 7.00 -24.76 -14.71
N GLU B 142 6.45 -25.95 -14.46
CA GLU B 142 5.00 -26.13 -14.52
C GLU B 142 4.30 -25.32 -13.43
N VAL B 143 4.92 -25.24 -12.24
CA VAL B 143 4.34 -24.42 -11.18
C VAL B 143 4.32 -22.95 -11.60
N LEU B 144 5.44 -22.46 -12.13
CA LEU B 144 5.49 -21.05 -12.52
C LEU B 144 4.57 -20.76 -13.70
N ASP B 145 4.49 -21.68 -14.67
CA ASP B 145 3.52 -21.54 -15.75
C ASP B 145 2.09 -21.45 -15.22
N ALA B 146 1.77 -22.17 -14.14
CA ALA B 146 0.40 -22.13 -13.63
C ALA B 146 0.06 -20.77 -13.05
N HIS B 147 1.02 -20.12 -12.39
CA HIS B 147 0.82 -18.73 -12.00
C HIS B 147 0.64 -17.85 -13.22
N GLU B 148 1.50 -18.04 -14.23
CA GLU B 148 1.53 -17.13 -15.36
C GLU B 148 0.30 -17.25 -16.24
N CYS B 149 -0.41 -18.38 -16.25
CA CYS B 149 -1.50 -18.43 -17.22
C CYS B 149 -2.67 -17.52 -16.84
N SER B 150 -2.70 -16.94 -15.63
CA SER B 150 -3.72 -15.97 -15.30
C SER B 150 -3.17 -14.55 -15.18
N ASP B 151 -1.90 -14.33 -15.54
CA ASP B 151 -1.36 -12.97 -15.63
C ASP B 151 -1.96 -12.21 -16.80
N PHE B 152 -2.04 -10.89 -16.63
CA PHE B 152 -2.51 -10.01 -17.69
C PHE B 152 -1.67 -10.17 -18.96
N PHE B 153 -0.35 -10.37 -18.82
CA PHE B 153 0.51 -10.63 -19.97
C PHE B 153 0.89 -12.11 -20.09
N GLY B 154 0.00 -13.01 -19.69
CA GLY B 154 0.30 -14.42 -19.75
C GLY B 154 0.54 -14.97 -21.14
N HIS B 155 0.17 -14.23 -22.19
CA HIS B 155 0.48 -14.66 -23.55
C HIS B 155 1.93 -14.42 -23.96
N VAL B 156 2.70 -13.64 -23.19
CA VAL B 156 4.12 -13.45 -23.49
C VAL B 156 4.92 -14.54 -22.78
N THR B 157 5.76 -15.23 -23.54
CA THR B 157 6.50 -16.37 -23.01
C THR B 157 7.83 -15.92 -22.41
N GLN B 158 8.49 -16.86 -21.73
CA GLN B 158 9.84 -16.65 -21.18
C GLN B 158 9.87 -15.52 -20.17
N ARG B 159 8.78 -15.35 -19.42
CA ARG B 159 8.77 -14.42 -18.29
C ARG B 159 9.25 -15.08 -17.01
N SER B 160 9.38 -16.41 -17.03
CA SER B 160 10.02 -17.20 -15.99
C SER B 160 11.01 -18.11 -16.70
N VAL B 161 12.25 -18.12 -16.23
CA VAL B 161 13.30 -18.94 -16.85
C VAL B 161 14.08 -19.64 -15.76
N LEU B 162 14.20 -20.97 -15.88
CA LEU B 162 15.10 -21.74 -15.04
C LEU B 162 16.33 -22.12 -15.85
N VAL B 163 17.50 -21.82 -15.31
CA VAL B 163 18.77 -22.06 -16.00
C VAL B 163 19.54 -23.13 -15.20
N GLU B 164 19.68 -24.32 -15.78
N GLU B 164 19.64 -24.35 -15.74
CA GLU B 164 20.31 -25.46 -15.13
CA GLU B 164 20.30 -25.46 -15.05
C GLU B 164 21.81 -25.48 -15.40
C GLU B 164 21.78 -25.50 -15.37
N GLY B 165 22.61 -25.59 -14.33
CA GLY B 165 24.05 -25.73 -14.49
C GLY B 165 24.82 -24.95 -13.44
N ASP B 166 26.15 -24.94 -13.61
CA ASP B 166 27.06 -24.24 -12.72
C ASP B 166 27.05 -22.76 -13.04
N VAL B 167 26.66 -21.92 -12.06
CA VAL B 167 26.51 -20.48 -12.29
C VAL B 167 27.77 -19.84 -12.84
N ARG B 168 28.95 -20.43 -12.64
CA ARG B 168 30.17 -19.83 -13.19
C ARG B 168 30.19 -19.82 -14.70
N GLU B 169 29.52 -20.80 -15.33
CA GLU B 169 29.28 -20.81 -16.78
C GLU B 169 27.93 -20.22 -17.16
N THR B 170 26.85 -20.58 -16.44
CA THR B 170 25.51 -20.25 -16.91
C THR B 170 25.17 -18.78 -16.75
N VAL B 171 25.65 -18.11 -15.71
CA VAL B 171 25.27 -16.70 -15.56
C VAL B 171 25.95 -15.87 -16.66
N PRO B 172 27.27 -15.99 -16.87
CA PRO B 172 27.85 -15.26 -18.01
C PRO B 172 27.21 -15.61 -19.33
N ARG B 173 26.87 -16.88 -19.55
CA ARG B 173 26.23 -17.26 -20.81
C ARG B 173 24.85 -16.62 -20.95
N TYR B 174 24.06 -16.62 -19.87
CA TYR B 174 22.76 -15.96 -19.92
C TYR B 174 22.90 -14.48 -20.28
N LEU B 175 23.89 -13.81 -19.69
CA LEU B 175 24.02 -12.39 -19.94
C LEU B 175 24.47 -12.12 -21.38
N ALA B 176 25.35 -12.97 -21.89
CA ALA B 176 25.79 -12.83 -23.27
C ALA B 176 24.62 -13.01 -24.22
N GLU B 177 23.74 -13.95 -23.92
CA GLU B 177 22.54 -14.19 -24.72
C GLU B 177 21.50 -13.09 -24.55
N ASN B 178 21.60 -12.25 -23.53
CA ASN B 178 20.55 -11.27 -23.20
C ASN B 178 21.17 -9.91 -22.94
N PRO B 179 21.71 -9.26 -23.97
CA PRO B 179 22.36 -7.94 -23.79
C PRO B 179 21.42 -6.81 -23.44
N GLN B 180 20.10 -7.01 -23.54
CA GLN B 180 19.14 -6.03 -23.03
C GLN B 180 19.05 -6.01 -21.51
N THR B 181 19.75 -6.93 -20.82
CA THR B 181 19.51 -7.13 -19.39
C THR B 181 19.81 -5.88 -18.58
N VAL B 182 18.88 -5.57 -17.69
CA VAL B 182 19.12 -4.76 -16.51
C VAL B 182 18.66 -5.61 -15.33
N ILE B 183 19.40 -5.57 -14.23
CA ILE B 183 19.12 -6.38 -13.05
C ILE B 183 18.60 -5.45 -11.96
N ALA B 184 17.30 -5.61 -11.61
CA ALA B 184 16.67 -4.83 -10.55
C ALA B 184 16.91 -5.45 -9.18
N LEU B 185 16.89 -6.78 -9.10
CA LEU B 185 17.04 -7.53 -7.85
C LEU B 185 17.84 -8.80 -8.11
N ALA B 186 18.97 -8.91 -7.42
CA ALA B 186 19.81 -10.10 -7.44
C ALA B 186 19.86 -10.72 -6.05
N TYR B 187 19.39 -11.96 -5.93
CA TYR B 187 19.29 -12.66 -4.65
C TYR B 187 20.28 -13.83 -4.61
N PHE B 188 21.24 -13.78 -3.67
CA PHE B 188 22.33 -14.74 -3.56
C PHE B 188 22.05 -15.80 -2.50
N ASP B 189 21.99 -17.07 -2.91
CA ASP B 189 21.86 -18.20 -1.97
C ASP B 189 22.76 -19.33 -2.45
N LEU B 190 24.02 -19.00 -2.71
CA LEU B 190 24.99 -19.93 -3.30
C LEU B 190 25.92 -20.60 -2.28
N ASP B 191 26.00 -20.09 -1.05
CA ASP B 191 26.80 -20.63 0.05
C ASP B 191 28.31 -20.47 -0.11
N LEU B 192 28.85 -20.73 -1.30
CA LEU B 192 30.29 -20.96 -1.48
C LEU B 192 30.99 -19.79 -2.15
N TYR B 193 32.30 -19.73 -1.90
CA TYR B 193 33.11 -18.59 -2.31
C TYR B 193 33.20 -18.46 -3.83
N GLU B 194 33.63 -19.52 -4.51
CA GLU B 194 33.87 -19.39 -5.96
C GLU B 194 32.61 -19.01 -6.73
N PRO B 195 31.48 -19.69 -6.56
CA PRO B 195 30.29 -19.27 -7.31
C PRO B 195 29.84 -17.86 -6.98
N THR B 196 29.84 -17.50 -5.68
CA THR B 196 29.42 -16.16 -5.29
C THR B 196 30.32 -15.10 -5.92
N LYS B 197 31.64 -15.32 -5.87
CA LYS B 197 32.58 -14.38 -6.48
C LYS B 197 32.33 -14.23 -7.98
N ALA B 198 32.17 -15.35 -8.68
CA ALA B 198 32.01 -15.30 -10.15
C ALA B 198 30.74 -14.56 -10.53
N VAL B 199 29.64 -14.76 -9.77
CA VAL B 199 28.37 -14.13 -10.13
C VAL B 199 28.40 -12.64 -9.81
N LEU B 200 28.94 -12.26 -8.64
CA LEU B 200 29.07 -10.83 -8.33
C LEU B 200 29.81 -10.13 -9.46
N GLU B 201 30.95 -10.68 -9.89
CA GLU B 201 31.73 -10.06 -10.95
C GLU B 201 30.94 -9.96 -12.26
N ALA B 202 30.15 -10.99 -12.58
CA ALA B 202 29.41 -11.00 -13.85
C ALA B 202 28.25 -10.02 -13.87
N ILE B 203 27.52 -9.89 -12.76
CA ILE B 203 26.29 -9.09 -12.82
C ILE B 203 26.58 -7.60 -12.75
N ARG B 204 27.78 -7.22 -12.33
CA ARG B 204 28.01 -5.82 -12.00
C ARG B 204 27.69 -4.85 -13.14
N PRO B 205 28.04 -5.10 -14.41
CA PRO B 205 27.70 -4.13 -15.47
C PRO B 205 26.19 -3.99 -15.76
N TYR B 206 25.34 -4.85 -15.19
CA TYR B 206 23.91 -4.82 -15.45
C TYR B 206 23.11 -4.21 -14.29
N LEU B 207 23.78 -3.69 -13.26
CA LEU B 207 23.09 -3.04 -12.15
C LEU B 207 22.98 -1.55 -12.40
N THR B 208 21.91 -0.93 -11.90
CA THR B 208 21.84 0.51 -11.87
C THR B 208 21.85 0.98 -10.43
N LYS B 209 22.03 2.29 -10.22
CA LYS B 209 21.90 2.83 -8.89
C LYS B 209 20.46 2.61 -8.46
N GLY B 210 20.28 1.93 -7.33
CA GLY B 210 18.98 1.55 -6.83
C GLY B 210 18.66 0.09 -6.99
N SER B 211 19.41 -0.64 -7.82
CA SER B 211 19.29 -2.09 -7.86
C SER B 211 19.56 -2.65 -6.47
N ILE B 212 18.90 -3.75 -6.15
CA ILE B 212 19.09 -4.42 -4.86
C ILE B 212 19.91 -5.68 -5.05
N VAL B 213 20.94 -5.82 -4.23
CA VAL B 213 21.72 -7.04 -4.15
C VAL B 213 21.50 -7.59 -2.74
N ALA B 214 20.95 -8.79 -2.64
CA ALA B 214 20.62 -9.39 -1.36
C ALA B 214 21.32 -10.74 -1.18
N PHE B 215 21.64 -11.05 0.07
CA PHE B 215 22.36 -12.26 0.45
C PHE B 215 21.58 -13.03 1.51
N ASP B 216 21.51 -14.35 1.32
CA ASP B 216 20.76 -15.21 2.24
C ASP B 216 21.59 -15.62 3.46
N GLU B 217 22.91 -15.64 3.37
CA GLU B 217 23.75 -16.10 4.49
C GLU B 217 25.08 -15.36 4.53
N LEU B 218 25.03 -14.02 4.48
CA LEU B 218 26.27 -13.25 4.42
C LEU B 218 27.09 -13.35 5.69
N ASP B 219 26.45 -13.35 6.85
CA ASP B 219 27.14 -13.31 8.13
C ASP B 219 26.92 -14.59 8.93
N ASN B 220 26.67 -15.69 8.23
CA ASN B 220 26.33 -16.94 8.88
C ASN B 220 27.56 -17.81 9.08
N PRO B 221 27.93 -18.17 10.31
CA PRO B 221 29.15 -18.98 10.53
C PRO B 221 29.20 -20.27 9.73
N LYS B 222 28.04 -20.76 9.29
CA LYS B 222 28.04 -22.04 8.59
C LYS B 222 28.58 -21.92 7.17
N TRP B 223 28.54 -20.73 6.58
CA TRP B 223 28.79 -20.53 5.14
C TRP B 223 29.58 -19.26 4.96
N PRO B 224 30.84 -19.24 5.39
CA PRO B 224 31.61 -17.99 5.35
C PRO B 224 32.01 -17.56 3.95
N GLY B 225 31.90 -18.43 2.95
CA GLY B 225 32.41 -18.11 1.64
C GLY B 225 31.69 -16.94 0.99
N GLU B 226 30.41 -16.76 1.32
CA GLU B 226 29.67 -15.62 0.81
C GLU B 226 30.30 -14.31 1.26
N ASN B 227 30.60 -14.19 2.55
CA ASN B 227 31.23 -12.99 3.08
C ASN B 227 32.63 -12.80 2.46
N ILE B 228 33.42 -13.89 2.42
CA ILE B 228 34.77 -13.82 1.87
C ILE B 228 34.73 -13.31 0.43
N ALA B 229 33.76 -13.79 -0.35
CA ALA B 229 33.64 -13.32 -1.73
C ALA B 229 33.22 -11.86 -1.79
N MET B 230 32.27 -11.44 -0.93
CA MET B 230 31.86 -10.02 -0.93
C MET B 230 33.04 -9.13 -0.57
N ARG B 231 33.84 -9.53 0.41
CA ARG B 231 34.98 -8.71 0.80
C ARG B 231 36.03 -8.68 -0.30
N LYS B 232 36.16 -9.77 -1.06
CA LYS B 232 37.12 -9.82 -2.16
C LYS B 232 36.70 -8.91 -3.31
N VAL B 233 35.45 -9.02 -3.75
CA VAL B 233 35.04 -8.35 -5.00
C VAL B 233 34.75 -6.87 -4.75
N LEU B 234 33.99 -6.56 -3.69
CA LEU B 234 33.44 -5.22 -3.46
C LEU B 234 33.88 -4.60 -2.14
N GLY B 235 34.02 -5.41 -1.09
CA GLY B 235 34.21 -4.85 0.25
C GLY B 235 32.87 -4.65 0.97
N LEU B 236 32.86 -4.91 2.26
CA LEU B 236 31.60 -4.80 3.02
C LEU B 236 31.09 -3.37 3.14
N ASP B 237 31.94 -2.35 2.98
CA ASP B 237 31.45 -0.98 2.98
C ASP B 237 31.35 -0.39 1.58
N HIS B 238 31.20 -1.23 0.55
CA HIS B 238 31.00 -0.70 -0.80
C HIS B 238 29.68 0.05 -0.89
N ALA B 239 28.68 -0.47 -0.19
CA ALA B 239 27.36 0.13 -0.07
C ALA B 239 26.83 -0.23 1.32
N PRO B 240 25.72 0.35 1.73
CA PRO B 240 25.18 0.09 3.08
C PRO B 240 24.43 -1.23 3.12
N LEU B 241 24.98 -2.22 3.84
CA LEU B 241 24.26 -3.48 4.02
C LEU B 241 23.24 -3.30 5.15
N ARG B 242 22.02 -3.76 4.90
CA ARG B 242 20.92 -3.62 5.83
C ARG B 242 20.23 -4.95 6.09
N LEU B 243 19.60 -5.02 7.27
CA LEU B 243 18.63 -6.04 7.63
C LEU B 243 17.25 -5.40 7.60
N LEU B 244 16.23 -6.20 7.35
CA LEU B 244 14.90 -5.84 7.78
C LEU B 244 14.82 -6.08 9.30
N PRO B 245 14.51 -5.07 10.10
CA PRO B 245 14.71 -5.20 11.55
C PRO B 245 14.02 -6.44 12.12
N GLY B 246 14.74 -7.14 13.00
CA GLY B 246 14.24 -8.33 13.63
C GLY B 246 14.52 -9.62 12.90
N ARG B 247 15.15 -9.57 11.72
CA ARG B 247 15.34 -10.75 10.91
C ARG B 247 16.82 -10.92 10.60
N PRO B 248 17.43 -12.06 10.90
CA PRO B 248 18.88 -12.17 10.67
C PRO B 248 19.25 -12.12 9.21
N ALA B 249 18.34 -12.52 8.32
CA ALA B 249 18.56 -12.51 6.89
C ALA B 249 17.21 -12.17 6.22
N PRO B 250 17.24 -11.63 5.00
CA PRO B 250 18.43 -11.34 4.18
C PRO B 250 19.17 -10.07 4.63
N ALA B 251 20.43 -9.99 4.22
CA ALA B 251 21.19 -8.76 4.24
C ALA B 251 21.23 -8.21 2.82
N TYR B 252 20.89 -6.94 2.64
CA TYR B 252 20.71 -6.40 1.30
C TYR B 252 21.26 -4.98 1.22
N LEU B 253 21.72 -4.61 0.03
CA LEU B 253 22.24 -3.27 -0.21
C LEU B 253 21.57 -2.69 -1.45
N ARG B 254 21.48 -1.37 -1.50
CA ARG B 254 21.03 -0.63 -2.66
C ARG B 254 22.26 -0.14 -3.40
N TRP B 255 22.40 -0.58 -4.64
CA TRP B 255 23.60 -0.27 -5.41
C TRP B 255 23.78 1.24 -5.54
N GLY B 256 25.01 1.71 -5.29
CA GLY B 256 25.31 3.12 -5.42
C GLY B 256 25.09 3.97 -4.19
N ASP B 257 24.51 3.42 -3.12
N ASP B 257 24.49 3.43 -3.14
CA ASP B 257 24.25 4.23 -1.94
CA ASP B 257 24.27 4.18 -1.93
C ASP B 257 25.49 4.35 -1.01
C ASP B 257 25.51 4.20 -1.05
N GLN C 7 -11.97 -22.24 36.32
CA GLN C 7 -11.05 -21.28 35.71
C GLN C 7 -9.66 -21.87 35.57
N ASP C 8 -9.15 -21.86 34.34
CA ASP C 8 -7.80 -22.35 34.05
C ASP C 8 -6.81 -21.23 34.35
N LEU C 9 -6.00 -21.41 35.40
CA LEU C 9 -5.04 -20.38 35.77
C LEU C 9 -3.97 -20.17 34.68
N ARG C 10 -3.76 -21.14 33.80
CA ARG C 10 -2.80 -20.99 32.71
C ARG C 10 -3.22 -19.95 31.69
N ALA C 11 -4.49 -19.52 31.69
CA ALA C 11 -4.92 -18.48 30.77
C ALA C 11 -4.55 -17.09 31.24
N PHE C 12 -4.01 -16.99 32.46
CA PHE C 12 -3.46 -15.73 32.93
C PHE C 12 -1.97 -15.70 32.65
N VAL C 13 -1.45 -14.49 32.43
CA VAL C 13 -0.02 -14.34 32.21
C VAL C 13 0.74 -14.88 33.42
N HIS C 14 1.76 -15.71 33.15
CA HIS C 14 2.64 -16.22 34.19
C HIS C 14 3.99 -16.54 33.58
N ASP C 15 5.00 -16.60 34.44
CA ASP C 15 6.37 -16.83 33.99
C ASP C 15 6.54 -18.22 33.41
N SER C 16 7.26 -18.30 32.29
CA SER C 16 7.73 -19.58 31.77
C SER C 16 8.78 -20.20 32.71
N PRO C 17 9.03 -21.50 32.58
CA PRO C 17 10.13 -22.08 33.38
C PRO C 17 11.48 -21.44 33.10
N GLU C 18 11.73 -21.02 31.85
CA GLU C 18 13.00 -20.38 31.53
C GLU C 18 13.11 -19.00 32.17
N GLU C 19 12.03 -18.24 32.15
CA GLU C 19 12.02 -16.91 32.78
C GLU C 19 12.28 -17.04 34.28
N THR C 20 11.69 -18.04 34.90
CA THR C 20 11.98 -18.33 36.31
C THR C 20 13.43 -18.73 36.50
N GLU C 21 13.95 -19.61 35.62
CA GLU C 21 15.34 -20.01 35.73
C GLU C 21 16.27 -18.81 35.62
N THR C 22 16.05 -17.95 34.60
CA THR C 22 16.87 -16.73 34.47
C THR C 22 16.81 -15.90 35.75
N THR C 23 15.61 -15.68 36.30
CA THR C 23 15.48 -14.85 37.50
C THR C 23 16.26 -15.45 38.66
N GLN C 24 16.12 -16.76 38.87
CA GLN C 24 16.79 -17.40 40.00
C GLN C 24 18.30 -17.40 39.82
N ARG C 25 18.79 -17.66 38.61
CA ARG C 25 20.23 -17.64 38.38
C ARG C 25 20.80 -16.25 38.65
N LEU C 26 20.14 -15.21 38.14
CA LEU C 26 20.67 -13.86 38.32
C LEU C 26 20.64 -13.44 39.79
N THR C 27 19.61 -13.86 40.53
CA THR C 27 19.60 -13.62 41.96
C THR C 27 20.83 -14.22 42.61
N LYS C 28 21.13 -15.47 42.28
CA LYS C 28 22.26 -16.15 42.92
C LYS C 28 23.58 -15.47 42.54
N LEU C 29 23.71 -15.05 41.27
CA LEU C 29 24.95 -14.42 40.84
C LEU C 29 25.11 -13.03 41.43
N LEU C 30 23.99 -12.34 41.70
CA LEU C 30 24.05 -11.06 42.40
C LEU C 30 24.47 -11.23 43.86
N THR C 31 23.89 -12.20 44.55
CA THR C 31 24.16 -12.36 45.98
C THR C 31 25.51 -13.02 46.26
N ASN C 32 26.04 -13.79 45.30
CA ASN C 32 27.36 -14.41 45.45
C ASN C 32 28.30 -13.91 44.36
N SER C 33 28.55 -12.59 44.30
CA SER C 33 29.26 -11.98 43.19
C SER C 33 30.70 -11.69 43.58
N PRO C 34 31.68 -12.04 42.74
CA PRO C 34 33.07 -11.65 43.01
C PRO C 34 33.33 -10.18 42.76
N ILE C 35 32.36 -9.44 42.24
CA ILE C 35 32.55 -8.00 42.06
C ILE C 35 32.71 -7.35 43.42
N PRO C 36 33.64 -6.42 43.61
CA PRO C 36 33.76 -5.76 44.92
C PRO C 36 32.44 -5.10 45.30
N THR C 37 32.05 -5.23 46.57
CA THR C 37 30.70 -4.84 46.96
C THR C 37 30.42 -3.39 46.60
N GLU C 38 31.41 -2.52 46.72
CA GLU C 38 31.20 -1.10 46.42
C GLU C 38 31.12 -0.81 44.94
N GLU C 39 31.27 -1.82 44.07
CA GLU C 39 31.09 -1.67 42.64
C GLU C 39 29.80 -2.29 42.11
N LEU C 40 29.03 -2.99 42.94
CA LEU C 40 27.79 -3.60 42.48
C LEU C 40 26.84 -2.57 41.87
N VAL C 41 26.67 -1.40 42.51
CA VAL C 41 25.73 -0.40 41.98
C VAL C 41 26.27 0.31 40.74
N ASN C 42 27.46 -0.10 40.28
CA ASN C 42 28.00 0.35 39.00
C ASN C 42 27.89 -0.72 37.92
N ASN C 43 27.26 -1.85 38.25
CA ASN C 43 27.17 -3.00 37.35
C ASN C 43 25.79 -3.64 37.41
N LEU C 44 24.76 -2.91 37.81
CA LEU C 44 23.45 -3.53 37.96
C LEU C 44 22.92 -4.09 36.65
N PRO C 45 23.25 -3.55 35.46
CA PRO C 45 22.76 -4.18 34.22
C PRO C 45 23.17 -5.63 34.05
N LEU C 46 24.22 -6.12 34.74
CA LEU C 46 24.50 -7.54 34.68
C LEU C 46 23.31 -8.39 35.10
N PHE C 47 22.49 -7.89 36.02
CA PHE C 47 21.44 -8.69 36.65
C PHE C 47 20.03 -8.28 36.22
N LEU C 48 19.94 -7.39 35.23
CA LEU C 48 18.69 -6.77 34.78
C LEU C 48 18.26 -7.49 33.50
N ARG C 49 17.38 -8.49 33.64
CA ARG C 49 16.99 -9.30 32.49
C ARG C 49 16.03 -8.54 31.57
N ARG C 50 15.83 -9.11 30.37
CA ARG C 50 14.96 -8.52 29.35
C ARG C 50 13.66 -7.98 29.93
N HIS C 51 12.94 -8.81 30.67
CA HIS C 51 11.62 -8.40 31.15
C HIS C 51 11.70 -7.11 31.96
N GLN C 52 12.69 -6.99 32.83
CA GLN C 52 12.79 -5.79 33.66
C GLN C 52 13.42 -4.63 32.89
N MET C 53 14.35 -4.92 31.98
CA MET C 53 14.85 -3.86 31.11
C MET C 53 13.71 -3.22 30.33
N THR C 54 12.76 -4.03 29.88
CA THR C 54 11.66 -3.53 29.08
C THR C 54 10.84 -2.51 29.87
N ASP C 55 10.52 -2.85 31.12
CA ASP C 55 9.84 -1.92 32.00
C ASP C 55 10.61 -0.61 32.15
N LEU C 56 11.93 -0.68 32.35
CA LEU C 56 12.70 0.56 32.45
C LEU C 56 12.58 1.38 31.17
N LEU C 57 12.77 0.75 30.02
CA LEU C 57 12.69 1.49 28.76
C LEU C 57 11.30 2.10 28.55
N SER C 58 10.25 1.41 28.99
CA SER C 58 8.90 1.96 28.89
C SER C 58 8.71 3.20 29.78
N MET C 59 9.23 3.17 31.00
CA MET C 59 9.11 4.34 31.87
C MET C 59 9.87 5.53 31.29
N ASP C 60 11.05 5.27 30.74
CA ASP C 60 11.80 6.29 30.00
C ASP C 60 10.98 6.89 28.87
N ALA C 61 10.33 6.02 28.08
CA ALA C 61 9.52 6.49 26.96
C ALA C 61 8.38 7.39 27.44
N LEU C 62 7.71 7.01 28.54
CA LEU C 62 6.61 7.84 29.05
C LEU C 62 7.14 9.17 29.56
N TYR C 63 8.22 9.13 30.33
CA TYR C 63 8.86 10.34 30.85
C TYR C 63 9.23 11.29 29.72
N ARG C 64 9.89 10.77 28.67
CA ARG C 64 10.27 11.62 27.55
C ARG C 64 9.08 12.31 26.89
N GLN C 65 7.89 11.70 26.91
CA GLN C 65 6.72 12.37 26.33
C GLN C 65 6.17 13.53 27.17
N VAL C 66 6.59 13.71 28.42
CA VAL C 66 6.09 14.82 29.21
C VAL C 66 7.19 15.82 29.58
N LEU C 67 8.36 15.76 28.94
CA LEU C 67 9.40 16.73 29.25
C LEU C 67 8.98 18.16 28.89
N ASP C 68 8.01 18.35 28.01
CA ASP C 68 7.50 19.69 27.71
C ASP C 68 6.11 19.92 28.29
N VAL C 69 5.75 19.17 29.33
CA VAL C 69 4.47 19.34 30.04
C VAL C 69 4.76 19.74 31.48
N PRO C 70 4.13 20.78 32.02
CA PRO C 70 4.33 21.12 33.44
C PRO C 70 3.71 20.08 34.33
N GLY C 71 4.14 20.09 35.57
CA GLY C 71 3.44 19.36 36.60
C GLY C 71 4.26 18.22 37.18
N VAL C 72 3.56 17.39 37.94
CA VAL C 72 4.19 16.37 38.78
C VAL C 72 3.95 15.00 38.16
N ILE C 73 4.65 13.99 38.70
CA ILE C 73 4.48 12.59 38.36
C ILE C 73 3.84 11.89 39.55
N MET C 74 2.76 11.13 39.32
CA MET C 74 2.10 10.38 40.38
C MET C 74 1.96 8.93 39.99
N GLU C 75 2.23 8.02 40.93
CA GLU C 75 1.97 6.60 40.74
C GLU C 75 1.02 6.15 41.82
N PHE C 76 -0.04 5.47 41.39
CA PHE C 76 -1.07 4.96 42.29
C PHE C 76 -0.88 3.44 42.35
N GLY C 77 -0.30 2.96 43.44
CA GLY C 77 0.10 1.56 43.55
C GLY C 77 1.56 1.41 43.14
N VAL C 78 2.43 1.15 44.10
CA VAL C 78 3.86 1.40 43.94
C VAL C 78 4.71 0.15 44.15
N ARG C 79 4.13 -0.94 44.67
CA ARG C 79 4.83 -2.21 44.95
C ARG C 79 6.02 -1.88 45.86
N PHE C 80 7.23 -2.29 45.51
CA PHE C 80 8.43 -1.96 46.26
C PHE C 80 9.06 -0.65 45.85
N GLY C 81 8.51 0.05 44.85
CA GLY C 81 9.03 1.32 44.39
C GLY C 81 9.86 1.31 43.12
N ARG C 82 9.82 0.21 42.34
CA ARG C 82 10.62 0.12 41.12
C ARG C 82 10.47 1.38 40.26
N HIS C 83 9.24 1.80 40.00
CA HIS C 83 9.02 2.93 39.10
C HIS C 83 9.47 4.25 39.72
N LEU C 84 9.36 4.37 41.05
CA LEU C 84 9.76 5.59 41.72
C LEU C 84 11.26 5.79 41.66
N GLY C 85 12.04 4.72 41.89
CA GLY C 85 13.48 4.80 41.67
C GLY C 85 13.82 5.17 40.24
N THR C 86 13.17 4.51 39.28
CA THR C 86 13.38 4.83 37.86
C THR C 86 13.16 6.31 37.59
N PHE C 87 12.03 6.84 38.08
CA PHE C 87 11.71 8.24 37.80
C PHE C 87 12.70 9.18 38.49
N ALA C 88 13.13 8.84 39.70
CA ALA C 88 14.10 9.69 40.39
C ALA C 88 15.40 9.80 39.58
N ALA C 89 15.86 8.68 39.01
CA ALA C 89 17.08 8.72 38.19
C ALA C 89 16.86 9.47 36.88
N LEU C 90 15.73 9.20 36.23
CA LEU C 90 15.45 9.84 34.95
C LEU C 90 15.28 11.35 35.10
N ARG C 91 14.71 11.79 36.22
CA ARG C 91 14.59 13.22 36.48
C ARG C 91 15.97 13.86 36.60
N GLY C 92 16.95 13.10 37.09
CA GLY C 92 18.32 13.56 37.05
C GLY C 92 18.84 13.67 35.62
N VAL C 93 18.57 12.65 34.80
CA VAL C 93 19.07 12.63 33.41
C VAL C 93 18.55 13.85 32.65
N TYR C 94 17.26 14.14 32.77
CA TYR C 94 16.55 15.04 31.86
C TYR C 94 16.25 16.43 32.43
N GLU C 95 16.19 16.59 33.75
CA GLU C 95 15.64 17.80 34.38
C GLU C 95 16.43 18.21 35.61
N PRO C 96 17.74 18.41 35.49
CA PRO C 96 18.51 18.96 36.63
C PRO C 96 17.94 20.27 37.15
N TYR C 97 17.38 21.12 36.28
CA TYR C 97 16.96 22.47 36.69
C TYR C 97 15.46 22.59 36.96
N ASN C 98 14.74 21.47 37.08
CA ASN C 98 13.30 21.52 37.36
C ASN C 98 13.01 21.01 38.77
N PRO C 99 13.02 21.88 39.77
CA PRO C 99 12.66 21.47 41.14
C PRO C 99 11.16 21.30 41.37
N LEU C 100 10.32 21.59 40.39
CA LEU C 100 8.86 21.45 40.55
C LEU C 100 8.35 20.08 40.09
N ARG C 101 9.19 19.26 39.48
CA ARG C 101 8.80 17.93 39.03
C ARG C 101 8.85 17.00 40.24
N ARG C 102 7.83 17.13 41.07
CA ARG C 102 7.69 16.26 42.23
C ARG C 102 7.25 14.87 41.79
N ILE C 103 7.76 13.86 42.48
CA ILE C 103 7.40 12.46 42.29
C ILE C 103 6.59 12.05 43.51
N VAL C 104 5.33 11.65 43.31
CA VAL C 104 4.42 11.32 44.40
C VAL C 104 3.94 9.87 44.25
N GLY C 105 4.19 9.05 45.25
CA GLY C 105 3.77 7.66 45.25
C GLY C 105 2.69 7.42 46.30
N PHE C 106 1.58 6.81 45.87
CA PHE C 106 0.47 6.49 46.77
C PHE C 106 0.33 4.98 46.93
N ASP C 107 0.23 4.52 48.17
CA ASP C 107 0.06 3.09 48.39
C ASP C 107 -0.40 2.90 49.84
N THR C 108 -1.14 1.82 50.07
CA THR C 108 -1.39 1.41 51.45
C THR C 108 -0.13 0.86 52.11
N PHE C 109 0.81 0.32 51.33
CA PHE C 109 2.01 -0.32 51.87
C PHE C 109 1.66 -1.44 52.85
N THR C 110 0.73 -2.31 52.46
CA THR C 110 0.30 -3.39 53.32
C THR C 110 -0.30 -4.50 52.46
N PRO C 133 5.62 -5.46 54.01
CA PRO C 133 6.61 -5.27 55.07
C PRO C 133 6.38 -3.99 55.87
N GLY C 134 6.69 -4.02 57.17
CA GLY C 134 6.47 -2.88 58.04
C GLY C 134 7.65 -1.93 58.01
N GLY C 135 7.35 -0.63 58.12
CA GLY C 135 8.38 0.39 57.98
C GLY C 135 9.00 0.47 56.61
N TYR C 136 8.41 -0.18 55.61
CA TYR C 136 8.95 -0.12 54.26
C TYR C 136 8.95 1.28 53.69
N PRO C 137 7.92 2.11 53.89
CA PRO C 137 7.96 3.47 53.33
C PRO C 137 9.16 4.26 53.81
N ALA C 138 9.62 4.00 55.05
CA ALA C 138 10.79 4.69 55.56
C ALA C 138 12.04 4.28 54.77
N TYR C 139 12.16 2.99 54.46
CA TYR C 139 13.27 2.51 53.65
C TYR C 139 13.22 3.12 52.25
N LEU C 140 12.03 3.12 51.65
CA LEU C 140 11.92 3.61 50.29
C LEU C 140 12.19 5.10 50.23
N LYS C 141 11.82 5.83 51.27
CA LYS C 141 12.18 7.24 51.35
C LYS C 141 13.68 7.43 51.49
N GLU C 142 14.34 6.55 52.25
CA GLU C 142 15.80 6.60 52.31
C GLU C 142 16.41 6.38 50.93
N VAL C 143 15.85 5.45 50.15
CA VAL C 143 16.35 5.22 48.80
C VAL C 143 16.19 6.48 47.95
N LEU C 144 15.00 7.08 47.98
CA LEU C 144 14.77 8.25 47.14
C LEU C 144 15.61 9.44 47.61
N ASP C 145 15.80 9.58 48.93
CA ASP C 145 16.69 10.63 49.43
C ASP C 145 18.12 10.42 48.96
N ALA C 146 18.56 9.17 48.80
CA ALA C 146 19.92 8.92 48.36
C ALA C 146 20.13 9.40 46.93
N HIS C 147 19.17 9.14 46.04
CA HIS C 147 19.23 9.75 44.69
C HIS C 147 19.24 11.26 44.80
N GLU C 148 18.34 11.83 45.62
CA GLU C 148 18.16 13.28 45.61
C GLU C 148 19.37 14.03 46.15
N CYS C 149 20.25 13.40 46.93
CA CYS C 149 21.27 14.21 47.56
C CYS C 149 22.35 14.66 46.58
N SER C 150 22.40 14.09 45.37
CA SER C 150 23.30 14.60 44.33
C SER C 150 22.54 15.28 43.19
N ASP C 151 21.26 15.58 43.38
CA ASP C 151 20.54 16.39 42.40
C ASP C 151 21.01 17.84 42.47
N PHE C 152 20.94 18.53 41.34
CA PHE C 152 21.29 19.95 41.30
C PHE C 152 20.43 20.78 42.24
N PHE C 153 19.15 20.42 42.38
CA PHE C 153 18.28 21.09 43.35
C PHE C 153 18.05 20.24 44.59
N GLY C 154 19.07 19.48 45.00
CA GLY C 154 18.93 18.63 46.17
C GLY C 154 18.66 19.39 47.46
N HIS C 155 18.84 20.70 47.48
CA HIS C 155 18.54 21.48 48.66
C HIS C 155 17.05 21.78 48.81
N VAL C 156 16.24 21.54 47.77
CA VAL C 156 14.79 21.72 47.87
C VAL C 156 14.17 20.40 48.32
N THR C 157 13.44 20.44 49.42
CA THR C 157 12.84 19.25 49.99
C THR C 157 11.48 18.95 49.35
N GLN C 158 10.95 17.77 49.69
CA GLN C 158 9.62 17.35 49.25
C GLN C 158 9.53 17.27 47.72
N ARG C 159 10.64 16.86 47.08
CA ARG C 159 10.57 16.57 45.65
C ARG C 159 10.20 15.12 45.37
N SER C 160 10.25 14.28 46.40
CA SER C 160 9.76 12.90 46.42
C SER C 160 8.88 12.77 47.64
N VAL C 161 7.66 12.24 47.47
CA VAL C 161 6.68 12.15 48.56
C VAL C 161 5.99 10.79 48.48
N LEU C 162 5.98 10.05 49.58
CA LEU C 162 5.23 8.81 49.69
C LEU C 162 4.03 9.07 50.60
N VAL C 163 2.84 8.78 50.09
CA VAL C 163 1.58 9.04 50.78
C VAL C 163 0.96 7.70 51.15
N GLU C 164 0.93 7.40 52.44
CA GLU C 164 0.52 6.09 52.91
C GLU C 164 -0.97 6.11 53.27
N GLY C 165 -1.71 5.13 52.75
CA GLY C 165 -3.12 5.02 53.06
C GLY C 165 -3.93 4.63 51.84
N ASP C 166 -5.25 4.56 52.00
CA ASP C 166 -6.13 4.21 50.90
C ASP C 166 -6.31 5.42 49.99
N VAL C 167 -6.09 5.22 48.69
CA VAL C 167 -6.12 6.33 47.73
C VAL C 167 -7.46 7.05 47.72
N ARG C 168 -8.55 6.38 48.09
N ARG C 168 -8.55 6.40 48.11
CA ARG C 168 -9.83 7.07 48.14
CA ARG C 168 -9.83 7.08 48.14
C ARG C 168 -9.82 8.21 49.15
C ARG C 168 -9.85 8.20 49.18
N GLU C 169 -9.02 8.10 50.21
CA GLU C 169 -8.81 9.16 51.19
C GLU C 169 -7.62 10.05 50.83
N THR C 170 -6.48 9.44 50.48
CA THR C 170 -5.24 10.19 50.41
C THR C 170 -5.11 11.06 49.16
N VAL C 171 -5.67 10.65 48.02
CA VAL C 171 -5.47 11.40 46.77
C VAL C 171 -6.30 12.68 46.85
N PRO C 172 -7.58 12.64 47.23
CA PRO C 172 -8.28 13.93 47.41
C PRO C 172 -7.62 14.81 48.46
N ARG C 173 -7.11 14.25 49.56
CA ARG C 173 -6.46 15.07 50.59
C ARG C 173 -5.19 15.71 50.05
N TYR C 174 -4.36 14.93 49.36
CA TYR C 174 -3.14 15.48 48.78
C TYR C 174 -3.47 16.64 47.85
N LEU C 175 -4.48 16.47 47.00
CA LEU C 175 -4.83 17.53 46.05
C LEU C 175 -5.35 18.78 46.77
N ALA C 176 -6.18 18.59 47.82
CA ALA C 176 -6.65 19.73 48.60
C ALA C 176 -5.49 20.48 49.25
N GLU C 177 -4.45 19.76 49.67
CA GLU C 177 -3.26 20.36 50.26
C GLU C 177 -2.35 20.99 49.23
N ASN C 178 -2.53 20.67 47.94
CA ASN C 178 -1.62 21.11 46.89
C ASN C 178 -2.41 21.70 45.72
N PRO C 179 -3.10 22.81 45.95
CA PRO C 179 -3.91 23.40 44.87
C PRO C 179 -3.08 23.93 43.71
N GLN C 180 -1.75 24.00 43.85
CA GLN C 180 -0.86 24.34 42.73
C GLN C 180 -0.68 23.18 41.76
N THR C 181 -1.28 22.03 42.03
CA THR C 181 -0.94 20.82 41.31
C THR C 181 -1.32 20.91 39.82
N VAL C 182 -0.37 20.55 38.96
CA VAL C 182 -0.63 20.07 37.61
C VAL C 182 -0.07 18.66 37.54
N ILE C 183 -0.79 17.75 36.89
CA ILE C 183 -0.33 16.37 36.75
C ILE C 183 0.14 16.15 35.31
N ALA C 184 1.45 15.92 35.14
CA ALA C 184 2.02 15.62 33.83
C ALA C 184 1.90 14.14 33.48
N LEU C 185 2.11 13.27 34.46
CA LEU C 185 2.10 11.82 34.24
C LEU C 185 1.44 11.15 35.44
N ALA C 186 0.42 10.37 35.14
CA ALA C 186 -0.33 9.62 36.15
C ALA C 186 -0.28 8.15 35.78
N TYR C 187 0.34 7.33 36.64
CA TYR C 187 0.53 5.91 36.39
C TYR C 187 -0.34 5.08 37.34
N PHE C 188 -1.25 4.30 36.76
CA PHE C 188 -2.24 3.54 37.52
C PHE C 188 -1.83 2.08 37.66
N ASP C 189 -1.66 1.62 38.89
CA ASP C 189 -1.37 0.22 39.18
C ASP C 189 -2.18 -0.23 40.39
N LEU C 190 -3.49 0.10 40.38
CA LEU C 190 -4.39 -0.17 41.51
C LEU C 190 -5.17 -1.47 41.38
N ASP C 191 -5.31 -2.01 40.17
CA ASP C 191 -5.96 -3.31 39.92
C ASP C 191 -7.48 -3.28 40.01
N LEU C 192 -8.04 -2.59 41.00
CA LEU C 192 -9.46 -2.71 41.33
C LEU C 192 -10.30 -1.54 40.84
N TYR C 193 -11.57 -1.83 40.58
CA TYR C 193 -12.54 -0.87 40.05
C TYR C 193 -12.68 0.37 40.93
N GLU C 194 -13.09 0.18 42.20
CA GLU C 194 -13.46 1.34 43.02
C GLU C 194 -12.29 2.31 43.22
N PRO C 195 -11.09 1.87 43.57
CA PRO C 195 -9.99 2.85 43.69
C PRO C 195 -9.58 3.46 42.36
N THR C 196 -9.55 2.69 41.27
CA THR C 196 -9.23 3.27 39.96
C THR C 196 -10.24 4.34 39.58
N LYS C 197 -11.52 4.04 39.73
CA LYS C 197 -12.57 5.03 39.45
C LYS C 197 -12.40 6.29 40.30
N ALA C 198 -12.18 6.14 41.60
CA ALA C 198 -12.11 7.32 42.46
C ALA C 198 -10.93 8.20 42.10
N VAL C 199 -9.80 7.60 41.76
CA VAL C 199 -8.62 8.39 41.47
C VAL C 199 -8.75 9.06 40.10
N LEU C 200 -9.30 8.36 39.12
CA LEU C 200 -9.52 9.00 37.82
C LEU C 200 -10.40 10.23 37.95
N GLU C 201 -11.44 10.14 38.77
CA GLU C 201 -12.34 11.26 38.96
C GLU C 201 -11.64 12.41 39.68
N ALA C 202 -10.79 12.09 40.65
CA ALA C 202 -10.11 13.12 41.45
C ALA C 202 -9.05 13.86 40.64
N ILE C 203 -8.27 13.15 39.81
CA ILE C 203 -7.13 13.80 39.14
C ILE C 203 -7.56 14.62 37.92
N ARG C 204 -8.76 14.40 37.39
CA ARG C 204 -9.13 14.98 36.11
C ARG C 204 -8.97 16.50 36.04
N PRO C 205 -9.36 17.29 37.05
CA PRO C 205 -9.20 18.76 36.93
C PRO C 205 -7.76 19.25 36.95
N TYR C 206 -6.79 18.36 37.24
CA TYR C 206 -5.40 18.76 37.30
C TYR C 206 -4.60 18.33 36.07
N LEU C 207 -5.24 17.71 35.08
CA LEU C 207 -4.59 17.33 33.82
C LEU C 207 -4.64 18.47 32.82
N THR C 208 -3.63 18.55 31.96
CA THR C 208 -3.72 19.43 30.78
C THR C 208 -3.72 18.58 29.51
N LYS C 209 -4.06 19.21 28.38
CA LYS C 209 -3.89 18.49 27.13
C LYS C 209 -2.42 18.20 26.95
N GLY C 210 -2.11 16.94 26.71
CA GLY C 210 -0.74 16.47 26.66
C GLY C 210 -0.27 15.71 27.89
N SER C 211 -0.98 15.81 29.00
CA SER C 211 -0.70 14.97 30.17
C SER C 211 -0.89 13.51 29.77
N ILE C 212 -0.06 12.62 30.31
CA ILE C 212 -0.13 11.20 30.03
C ILE C 212 -0.82 10.48 31.17
N VAL C 213 -1.79 9.63 30.84
CA VAL C 213 -2.43 8.75 31.80
C VAL C 213 -2.15 7.33 31.35
N ALA C 214 -1.50 6.54 32.22
CA ALA C 214 -1.02 5.21 31.87
C ALA C 214 -1.57 4.15 32.82
N PHE C 215 -1.81 2.94 32.29
CA PHE C 215 -2.40 1.84 33.04
C PHE C 215 -1.53 0.60 32.96
N ASP C 216 -1.32 -0.04 34.10
CA ASP C 216 -0.49 -1.24 34.15
C ASP C 216 -1.23 -2.51 33.72
N GLU C 217 -2.56 -2.54 33.78
CA GLU C 217 -3.27 -3.79 33.49
C GLU C 217 -4.65 -3.50 32.92
N LEU C 218 -4.72 -2.59 31.95
CA LEU C 218 -6.02 -2.15 31.44
C LEU C 218 -6.79 -3.29 30.78
N ASP C 219 -6.09 -4.15 30.04
CA ASP C 219 -6.73 -5.13 29.17
C ASP C 219 -6.35 -6.55 29.59
N ASN C 220 -5.98 -6.69 30.86
CA ASN C 220 -5.48 -7.94 31.40
C ASN C 220 -6.60 -8.74 32.06
N PRO C 221 -6.88 -9.98 31.59
CA PRO C 221 -8.00 -10.77 32.14
C PRO C 221 -7.95 -10.97 33.65
N LYS C 222 -6.77 -10.88 34.24
CA LYS C 222 -6.68 -11.10 35.67
C LYS C 222 -7.30 -9.97 36.48
N TRP C 223 -7.29 -8.73 35.96
CA TRP C 223 -7.69 -7.53 36.71
C TRP C 223 -8.64 -6.65 35.90
N PRO C 224 -9.87 -7.13 35.63
CA PRO C 224 -10.76 -6.37 34.74
C PRO C 224 -11.26 -5.06 35.33
N GLY C 225 -11.08 -4.82 36.65
CA GLY C 225 -11.63 -3.62 37.26
C GLY C 225 -11.09 -2.32 36.68
N GLU C 226 -9.83 -2.31 36.23
CA GLU C 226 -9.28 -1.09 35.65
C GLU C 226 -10.03 -0.72 34.39
N ASN C 227 -10.32 -1.72 33.53
CA ASN C 227 -11.09 -1.47 32.31
C ASN C 227 -12.50 -1.03 32.66
N ILE C 228 -13.13 -1.73 33.59
CA ILE C 228 -14.49 -1.37 33.99
C ILE C 228 -14.55 0.09 34.47
N ALA C 229 -13.54 0.52 35.25
CA ALA C 229 -13.51 1.90 35.71
C ALA C 229 -13.28 2.86 34.57
N MET C 230 -12.32 2.54 33.70
CA MET C 230 -12.06 3.40 32.55
C MET C 230 -13.31 3.60 31.73
N ARG C 231 -14.06 2.51 31.49
CA ARG C 231 -15.27 2.62 30.69
C ARG C 231 -16.35 3.41 31.41
N LYS C 232 -16.39 3.31 32.76
CA LYS C 232 -17.39 4.03 33.53
C LYS C 232 -17.13 5.53 33.48
N VAL C 233 -15.88 5.94 33.75
CA VAL C 233 -15.58 7.34 33.96
C VAL C 233 -15.42 8.08 32.64
N LEU C 234 -14.63 7.52 31.73
CA LEU C 234 -14.24 8.21 30.51
C LEU C 234 -14.76 7.56 29.23
N GLY C 235 -14.78 6.24 29.15
CA GLY C 235 -14.95 5.56 27.87
C GLY C 235 -13.62 5.24 27.20
N LEU C 236 -13.52 4.05 26.62
CA LEU C 236 -12.25 3.62 26.04
C LEU C 236 -11.88 4.44 24.81
N ASP C 237 -12.83 5.15 24.20
CA ASP C 237 -12.48 6.04 23.08
C ASP C 237 -12.50 7.52 23.46
N HIS C 238 -12.38 7.82 24.75
CA HIS C 238 -12.24 9.22 25.17
C HIS C 238 -10.99 9.85 24.57
N ALA C 239 -9.93 9.07 24.48
CA ALA C 239 -8.66 9.46 23.88
C ALA C 239 -8.04 8.22 23.29
N PRO C 240 -6.98 8.35 22.50
CA PRO C 240 -6.39 7.15 21.89
C PRO C 240 -5.51 6.39 22.89
N LEU C 241 -5.95 5.20 23.25
CA LEU C 241 -5.11 4.30 24.05
C LEU C 241 -4.04 3.66 23.18
N ARG C 242 -2.80 3.67 23.67
CA ARG C 242 -1.67 3.18 22.90
C ARG C 242 -0.82 2.20 23.73
N LEU C 243 -0.12 1.35 23.01
CA LEU C 243 0.96 0.52 23.51
C LEU C 243 2.29 1.04 22.99
N LEU C 244 3.35 0.80 23.74
CA LEU C 244 4.68 0.81 23.14
C LEU C 244 4.86 -0.50 22.37
N PRO C 245 5.10 -0.47 21.05
CA PRO C 245 5.01 -1.70 20.27
C PRO C 245 5.85 -2.82 20.85
N GLY C 246 5.28 -4.03 20.84
CA GLY C 246 5.96 -5.20 21.35
C GLY C 246 5.74 -5.45 22.82
N ARG C 247 5.08 -4.54 23.52
CA ARG C 247 4.96 -4.61 24.96
C ARG C 247 3.49 -4.59 25.35
N PRO C 248 3.01 -5.56 26.14
CA PRO C 248 1.58 -5.64 26.39
C PRO C 248 1.08 -4.57 27.32
N ALA C 249 1.97 -4.03 28.14
CA ALA C 249 1.66 -2.94 29.05
C ALA C 249 2.90 -2.06 29.11
N PRO C 250 2.74 -0.77 29.44
CA PRO C 250 1.48 -0.12 29.81
C PRO C 250 0.64 0.23 28.61
N ALA C 251 -0.63 0.48 28.87
CA ALA C 251 -1.47 1.15 27.89
C ALA C 251 -1.58 2.60 28.34
N TYR C 252 -1.41 3.54 27.41
CA TYR C 252 -1.38 4.94 27.84
C TYR C 252 -2.07 5.82 26.81
N LEU C 253 -2.58 6.95 27.29
CA LEU C 253 -3.23 7.96 26.46
C LEU C 253 -2.65 9.33 26.77
N ARG C 254 -2.70 10.20 25.76
CA ARG C 254 -2.39 11.63 25.89
C ARG C 254 -3.69 12.40 26.02
N TRP C 255 -3.87 13.06 27.16
CA TRP C 255 -5.11 13.77 27.43
C TRP C 255 -5.40 14.81 26.35
N GLY C 256 -6.64 14.81 25.86
CA GLY C 256 -7.08 15.77 24.85
C GLY C 256 -6.93 15.30 23.42
N ASP C 257 -6.30 14.16 23.18
N ASP C 257 -6.22 14.21 23.20
CA ASP C 257 -6.04 13.72 21.82
CA ASP C 257 -6.00 13.70 21.86
C ASP C 257 -7.24 12.96 21.21
C ASP C 257 -7.22 12.91 21.40
N GLN D 7 14.00 -18.82 -32.87
CA GLN D 7 13.56 -17.80 -31.92
C GLN D 7 12.05 -17.86 -31.74
N ASP D 8 11.61 -17.85 -30.49
CA ASP D 8 10.18 -17.82 -30.16
C ASP D 8 9.72 -16.37 -30.12
N LEU D 9 8.87 -15.99 -31.09
CA LEU D 9 8.45 -14.61 -31.18
C LEU D 9 7.42 -14.25 -30.11
N ARG D 10 6.82 -15.25 -29.45
CA ARG D 10 5.93 -14.99 -28.34
C ARG D 10 6.66 -14.52 -27.08
N ALA D 11 7.99 -14.60 -27.07
CA ALA D 11 8.77 -14.09 -25.96
C ALA D 11 9.01 -12.59 -26.05
N PHE D 12 8.69 -11.99 -27.20
CA PHE D 12 8.63 -10.55 -27.33
C PHE D 12 7.24 -10.06 -26.97
N VAL D 13 7.19 -8.84 -26.45
CA VAL D 13 5.93 -8.21 -26.08
C VAL D 13 5.07 -8.07 -27.33
N HIS D 14 3.80 -8.42 -27.21
CA HIS D 14 2.83 -8.30 -28.30
C HIS D 14 1.43 -8.24 -27.71
N ASP D 15 0.49 -7.74 -28.53
CA ASP D 15 -0.88 -7.53 -28.07
C ASP D 15 -1.60 -8.84 -27.87
N SER D 16 -2.35 -8.91 -26.77
CA SER D 16 -3.30 -9.98 -26.57
C SER D 16 -4.46 -9.87 -27.54
N PRO D 17 -5.22 -10.95 -27.73
CA PRO D 17 -6.42 -10.86 -28.58
C PRO D 17 -7.38 -9.80 -28.08
N GLU D 18 -7.54 -9.68 -26.77
CA GLU D 18 -8.44 -8.69 -26.19
C GLU D 18 -7.94 -7.27 -26.44
N GLU D 19 -6.64 -7.04 -26.37
CA GLU D 19 -6.15 -5.70 -26.66
C GLU D 19 -6.37 -5.35 -28.12
N THR D 20 -6.21 -6.32 -29.02
CA THR D 20 -6.51 -6.09 -30.42
C THR D 20 -7.99 -5.79 -30.63
N GLU D 21 -8.87 -6.53 -29.95
CA GLU D 21 -10.30 -6.32 -30.08
C GLU D 21 -10.69 -4.91 -29.64
N THR D 22 -10.19 -4.48 -28.48
CA THR D 22 -10.46 -3.13 -28.01
C THR D 22 -10.02 -2.11 -29.04
N THR D 23 -8.81 -2.28 -29.59
CA THR D 23 -8.27 -1.30 -30.51
C THR D 23 -9.11 -1.22 -31.77
N GLN D 24 -9.49 -2.38 -32.31
CA GLN D 24 -10.30 -2.39 -33.54
C GLN D 24 -11.69 -1.84 -33.29
N ARG D 25 -12.30 -2.16 -32.14
CA ARG D 25 -13.64 -1.63 -31.85
C ARG D 25 -13.62 -0.13 -31.71
N LEU D 26 -12.64 0.41 -30.97
CA LEU D 26 -12.56 1.84 -30.78
C LEU D 26 -12.29 2.56 -32.09
N THR D 27 -11.45 1.98 -32.95
CA THR D 27 -11.28 2.52 -34.30
C THR D 27 -12.62 2.65 -35.02
N LYS D 28 -13.42 1.59 -34.99
CA LYS D 28 -14.72 1.65 -35.67
C LYS D 28 -15.61 2.73 -35.08
N LEU D 29 -15.63 2.85 -33.75
CA LEU D 29 -16.53 3.79 -33.10
C LEU D 29 -16.07 5.23 -33.26
N LEU D 30 -14.76 5.45 -33.40
CA LEU D 30 -14.25 6.79 -33.71
C LEU D 30 -14.66 7.21 -35.11
N THR D 31 -14.58 6.30 -36.06
CA THR D 31 -14.75 6.64 -37.46
C THR D 31 -16.19 6.53 -37.93
N ASN D 32 -17.09 6.04 -37.08
CA ASN D 32 -18.51 5.98 -37.38
C ASN D 32 -19.30 6.57 -36.21
N SER D 33 -18.88 7.68 -35.77
CA SER D 33 -19.47 8.19 -34.56
C SER D 33 -20.70 9.05 -34.86
N PRO D 34 -21.77 8.94 -34.08
CA PRO D 34 -22.85 9.94 -34.18
C PRO D 34 -22.48 11.30 -33.57
N ILE D 35 -21.33 11.41 -32.93
CA ILE D 35 -20.88 12.72 -32.43
C ILE D 35 -20.69 13.65 -33.63
N PRO D 36 -21.18 14.88 -33.59
CA PRO D 36 -20.96 15.78 -34.72
C PRO D 36 -19.47 15.95 -35.02
N THR D 37 -19.15 16.00 -36.31
CA THR D 37 -17.75 16.01 -36.73
C THR D 37 -16.94 17.05 -35.97
N GLU D 38 -17.50 18.24 -35.78
CA GLU D 38 -16.75 19.34 -35.19
C GLU D 38 -16.59 19.18 -33.69
N GLU D 39 -17.21 18.17 -33.09
CA GLU D 39 -17.05 17.89 -31.68
C GLU D 39 -16.18 16.67 -31.40
N LEU D 40 -15.70 15.95 -32.43
CA LEU D 40 -14.89 14.76 -32.17
C LEU D 40 -13.64 15.11 -31.38
N VAL D 41 -12.96 16.20 -31.73
CA VAL D 41 -11.72 16.52 -31.03
C VAL D 41 -11.96 17.05 -29.62
N ASN D 42 -13.22 17.15 -29.20
CA ASN D 42 -13.58 17.44 -27.82
C ASN D 42 -13.93 16.19 -27.03
N ASN D 43 -13.84 15.02 -27.64
CA ASN D 43 -14.26 13.76 -27.03
C ASN D 43 -13.28 12.63 -27.28
N LEU D 44 -12.03 12.96 -27.58
CA LEU D 44 -11.07 11.91 -27.92
C LEU D 44 -10.85 10.91 -26.79
N PRO D 45 -10.99 11.26 -25.50
CA PRO D 45 -10.82 10.24 -24.45
C PRO D 45 -11.80 9.09 -24.57
N LEU D 46 -12.91 9.24 -25.29
CA LEU D 46 -13.77 8.09 -25.54
C LEU D 46 -13.02 6.94 -26.18
N PHE D 47 -11.98 7.26 -26.94
CA PHE D 47 -11.32 6.29 -27.81
C PHE D 47 -9.87 6.06 -27.41
N LEU D 48 -9.46 6.62 -26.27
CA LEU D 48 -8.10 6.55 -25.73
C LEU D 48 -8.07 5.44 -24.68
N ARG D 49 -7.63 4.25 -25.09
CA ARG D 49 -7.66 3.10 -24.20
C ARG D 49 -6.51 3.14 -23.19
N ARG D 50 -6.62 2.27 -22.18
CA ARG D 50 -5.64 2.16 -21.09
C ARG D 50 -4.20 2.29 -21.59
N HIS D 51 -3.82 1.44 -22.54
CA HIS D 51 -2.42 1.38 -22.97
C HIS D 51 -1.94 2.74 -23.45
N GLN D 52 -2.75 3.43 -24.22
CA GLN D 52 -2.35 4.74 -24.74
C GLN D 52 -2.49 5.83 -23.69
N MET D 53 -3.52 5.76 -22.86
CA MET D 53 -3.63 6.66 -21.71
C MET D 53 -2.38 6.58 -20.85
N THR D 54 -1.86 5.38 -20.65
CA THR D 54 -0.66 5.20 -19.83
C THR D 54 0.53 5.95 -20.40
N ASP D 55 0.71 5.85 -21.72
CA ASP D 55 1.78 6.60 -22.37
C ASP D 55 1.63 8.10 -22.16
N LEU D 56 0.41 8.62 -22.31
CA LEU D 56 0.18 10.05 -22.07
C LEU D 56 0.54 10.46 -20.62
N LEU D 57 0.08 9.69 -19.65
CA LEU D 57 0.38 9.99 -18.24
C LEU D 57 1.89 9.92 -17.97
N SER D 58 2.58 8.98 -18.63
CA SER D 58 4.04 8.91 -18.51
C SER D 58 4.72 10.17 -19.08
N MET D 59 4.32 10.61 -20.26
CA MET D 59 4.94 11.82 -20.81
C MET D 59 4.67 13.04 -19.91
N ASP D 60 3.45 13.14 -19.37
CA ASP D 60 3.13 14.20 -18.40
C ASP D 60 4.04 14.13 -17.18
N ALA D 61 4.27 12.94 -16.65
CA ALA D 61 5.15 12.80 -15.51
C ALA D 61 6.57 13.25 -15.84
N LEU D 62 7.10 12.88 -17.01
CA LEU D 62 8.45 13.31 -17.37
C LEU D 62 8.52 14.82 -17.52
N TYR D 63 7.55 15.40 -18.23
CA TYR D 63 7.50 16.86 -18.40
C TYR D 63 7.43 17.58 -17.06
N ARG D 64 6.58 17.10 -16.14
CA ARG D 64 6.49 17.76 -14.85
C ARG D 64 7.81 17.77 -14.11
N GLN D 65 8.67 16.78 -14.34
CA GLN D 65 9.96 16.75 -13.67
C GLN D 65 10.95 17.77 -14.22
N VAL D 66 10.70 18.37 -15.38
CA VAL D 66 11.64 19.34 -15.92
C VAL D 66 11.04 20.76 -15.98
N LEU D 67 9.94 21.03 -15.27
CA LEU D 67 9.36 22.37 -15.30
C LEU D 67 10.29 23.40 -14.68
N ASP D 68 11.24 22.97 -13.85
CA ASP D 68 12.19 23.89 -13.25
C ASP D 68 13.58 23.67 -13.83
N VAL D 69 13.67 23.13 -15.04
CA VAL D 69 14.94 22.94 -15.74
C VAL D 69 14.92 23.73 -17.04
N PRO D 70 15.93 24.56 -17.32
CA PRO D 70 15.95 25.29 -18.59
C PRO D 70 16.15 24.34 -19.77
N GLY D 71 15.84 24.83 -20.96
CA GLY D 71 16.21 24.14 -22.16
C GLY D 71 15.05 23.56 -22.95
N VAL D 72 15.41 22.71 -23.90
CA VAL D 72 14.49 22.23 -24.93
C VAL D 72 14.15 20.76 -24.66
N ILE D 73 13.14 20.28 -25.39
CA ILE D 73 12.74 18.88 -25.42
C ILE D 73 13.13 18.28 -26.77
N MET D 74 13.81 17.13 -26.75
CA MET D 74 14.17 16.44 -27.98
C MET D 74 13.66 15.01 -27.94
N GLU D 75 13.10 14.57 -29.08
CA GLU D 75 12.73 13.16 -29.28
C GLU D 75 13.48 12.62 -30.49
N PHE D 76 14.18 11.49 -30.27
CA PHE D 76 15.00 10.85 -31.30
C PHE D 76 14.25 9.59 -31.73
N GLY D 77 13.59 9.67 -32.89
CA GLY D 77 12.69 8.61 -33.33
C GLY D 77 11.28 8.94 -32.87
N VAL D 78 10.43 9.33 -33.80
CA VAL D 78 9.19 10.02 -33.48
C VAL D 78 7.93 9.26 -33.95
N ARG D 79 8.09 8.21 -34.75
CA ARG D 79 6.97 7.41 -35.31
C ARG D 79 6.01 8.36 -36.01
N PHE D 80 4.71 8.34 -35.69
CA PHE D 80 3.77 9.26 -36.33
C PHE D 80 3.69 10.59 -35.61
N GLY D 81 4.36 10.74 -34.47
CA GLY D 81 4.40 12.00 -33.76
C GLY D 81 3.59 12.04 -32.46
N ARG D 82 3.15 10.89 -31.95
CA ARG D 82 2.32 10.83 -30.74
C ARG D 82 2.91 11.68 -29.61
N HIS D 83 4.21 11.53 -29.36
CA HIS D 83 4.80 12.24 -28.20
C HIS D 83 4.94 13.72 -28.49
N LEU D 84 5.21 14.10 -29.74
CA LEU D 84 5.36 15.50 -30.06
C LEU D 84 4.04 16.25 -29.86
N GLY D 85 2.93 15.66 -30.30
CA GLY D 85 1.64 16.27 -30.01
C GLY D 85 1.37 16.36 -28.52
N THR D 86 1.70 15.29 -27.78
CA THR D 86 1.52 15.31 -26.33
C THR D 86 2.29 16.47 -25.71
N PHE D 87 3.58 16.60 -26.05
CA PHE D 87 4.39 17.68 -25.50
C PHE D 87 3.87 19.06 -25.91
N ALA D 88 3.38 19.21 -27.15
CA ALA D 88 2.84 20.50 -27.58
C ALA D 88 1.68 20.91 -26.70
N ALA D 89 0.79 19.99 -26.38
CA ALA D 89 -0.36 20.31 -25.52
C ALA D 89 0.09 20.59 -24.09
N LEU D 90 0.99 19.77 -23.56
CA LEU D 90 1.44 19.93 -22.17
C LEU D 90 2.19 21.24 -21.99
N ARG D 91 2.95 21.65 -23.00
CA ARG D 91 3.59 22.96 -22.95
C ARG D 91 2.56 24.08 -22.82
N GLY D 92 1.41 23.92 -23.46
CA GLY D 92 0.32 24.86 -23.26
C GLY D 92 -0.19 24.82 -21.83
N VAL D 93 -0.36 23.61 -21.27
CA VAL D 93 -0.90 23.49 -19.93
C VAL D 93 0.03 24.19 -18.93
N TYR D 94 1.32 23.91 -19.01
CA TYR D 94 2.26 24.26 -17.93
C TYR D 94 3.07 25.51 -18.21
N GLU D 95 3.28 25.87 -19.48
CA GLU D 95 4.26 26.92 -19.78
C GLU D 95 3.81 27.93 -20.84
N PRO D 96 2.66 28.57 -20.65
CA PRO D 96 2.23 29.61 -21.62
C PRO D 96 3.26 30.69 -21.85
N TYR D 97 4.08 31.02 -20.85
CA TYR D 97 4.97 32.16 -20.93
C TYR D 97 6.42 31.76 -21.22
N ASN D 98 6.68 30.52 -21.62
CA ASN D 98 8.04 30.09 -21.93
C ASN D 98 8.21 29.80 -23.43
N PRO D 99 8.59 30.80 -24.23
CA PRO D 99 8.80 30.60 -25.67
C PRO D 99 10.11 29.92 -26.01
N LEU D 100 10.95 29.65 -25.02
CA LEU D 100 12.25 29.02 -25.24
C LEU D 100 12.20 27.50 -25.11
N ARG D 101 11.08 26.96 -24.65
CA ARG D 101 10.88 25.51 -24.61
C ARG D 101 10.52 24.99 -26.00
N ARG D 102 11.56 24.84 -26.84
CA ARG D 102 11.40 24.28 -28.16
C ARG D 102 11.23 22.76 -28.06
N ILE D 103 10.41 22.22 -28.96
CA ILE D 103 10.22 20.78 -29.12
C ILE D 103 10.84 20.39 -30.45
N VAL D 104 11.85 19.53 -30.41
CA VAL D 104 12.59 19.13 -31.61
C VAL D 104 12.48 17.62 -31.78
N GLY D 105 11.95 17.20 -32.93
CA GLY D 105 11.81 15.79 -33.28
C GLY D 105 12.77 15.44 -34.41
N PHE D 106 13.53 14.38 -34.22
CA PHE D 106 14.50 13.90 -35.21
C PHE D 106 14.05 12.55 -35.73
N ASP D 107 13.97 12.39 -37.04
CA ASP D 107 13.59 11.10 -37.60
C ASP D 107 14.00 11.07 -39.06
N THR D 108 14.24 9.88 -39.59
CA THR D 108 14.40 9.77 -41.04
C THR D 108 13.06 9.82 -41.75
N PHE D 109 11.97 9.55 -41.04
CA PHE D 109 10.63 9.54 -41.65
C PHE D 109 10.58 8.59 -42.86
N THR D 110 11.10 7.38 -42.67
CA THR D 110 11.10 6.38 -43.75
C THR D 110 10.16 5.21 -43.47
N VAL D 132 6.33 5.87 -42.61
CA VAL D 132 5.35 6.94 -42.77
C VAL D 132 5.14 7.23 -44.26
N PRO D 133 3.96 7.76 -44.61
CA PRO D 133 3.73 8.18 -46.00
C PRO D 133 4.70 9.29 -46.42
N GLY D 134 4.75 9.54 -47.71
CA GLY D 134 5.57 10.62 -48.23
C GLY D 134 4.94 11.98 -47.93
N GLY D 135 5.78 12.96 -47.64
CA GLY D 135 5.30 14.25 -47.16
C GLY D 135 4.73 14.20 -45.76
N TYR D 136 4.99 13.13 -45.01
CA TYR D 136 4.48 13.05 -43.65
C TYR D 136 5.01 14.16 -42.77
N PRO D 137 6.30 14.51 -42.81
CA PRO D 137 6.77 15.61 -41.98
C PRO D 137 6.00 16.91 -42.19
N ALA D 138 5.56 17.22 -43.41
CA ALA D 138 4.77 18.44 -43.61
C ALA D 138 3.41 18.33 -42.93
N TYR D 139 2.80 17.15 -42.95
CA TYR D 139 1.57 16.94 -42.21
C TYR D 139 1.79 17.12 -40.72
N LEU D 140 2.83 16.48 -40.19
CA LEU D 140 3.11 16.59 -38.76
C LEU D 140 3.37 18.03 -38.36
N LYS D 141 4.03 18.80 -39.23
CA LYS D 141 4.25 20.21 -38.94
C LYS D 141 2.93 20.98 -38.92
N GLU D 142 2.03 20.67 -39.86
CA GLU D 142 0.71 21.31 -39.82
C GLU D 142 0.01 21.03 -38.49
N VAL D 143 0.10 19.79 -37.99
CA VAL D 143 -0.54 19.46 -36.71
C VAL D 143 0.06 20.33 -35.60
N LEU D 144 1.39 20.38 -35.51
CA LEU D 144 2.02 21.14 -34.43
C LEU D 144 1.73 22.64 -34.55
N ASP D 145 1.71 23.16 -35.79
CA ASP D 145 1.33 24.56 -35.99
C ASP D 145 -0.10 24.81 -35.53
N ALA D 146 -0.97 23.81 -35.68
CA ALA D 146 -2.36 23.99 -35.25
C ALA D 146 -2.45 24.17 -33.75
N HIS D 147 -1.66 23.41 -32.98
CA HIS D 147 -1.56 23.66 -31.53
C HIS D 147 -0.97 25.02 -31.24
N GLU D 148 0.08 25.39 -31.94
CA GLU D 148 0.78 26.62 -31.63
C GLU D 148 -0.01 27.88 -31.99
N CYS D 149 -0.99 27.81 -32.89
CA CYS D 149 -1.62 29.08 -33.23
C CYS D 149 -2.52 29.61 -32.10
N SER D 150 -2.78 28.84 -31.05
CA SER D 150 -3.49 29.36 -29.88
C SER D 150 -2.60 29.45 -28.64
N ASP D 151 -1.30 29.27 -28.80
CA ASP D 151 -0.34 29.48 -27.72
C ASP D 151 -0.21 30.96 -27.42
N PHE D 152 0.03 31.28 -26.16
CA PHE D 152 0.26 32.67 -25.75
C PHE D 152 1.42 33.30 -26.53
N PHE D 153 2.47 32.51 -26.80
CA PHE D 153 3.59 32.99 -27.62
C PHE D 153 3.55 32.43 -29.04
N GLY D 154 2.34 32.22 -29.58
CA GLY D 154 2.19 31.68 -30.92
C GLY D 154 2.81 32.52 -32.02
N HIS D 155 3.18 33.76 -31.74
CA HIS D 155 3.82 34.62 -32.73
C HIS D 155 5.31 34.37 -32.86
N VAL D 156 5.91 33.63 -31.95
CA VAL D 156 7.31 33.24 -32.05
C VAL D 156 7.38 31.93 -32.83
N THR D 157 8.19 31.92 -33.88
CA THR D 157 8.29 30.77 -34.75
C THR D 157 9.38 29.83 -34.26
N GLN D 158 9.46 28.67 -34.91
CA GLN D 158 10.48 27.66 -34.62
C GLN D 158 10.42 27.18 -33.17
N ARG D 159 9.22 27.13 -32.60
CA ARG D 159 9.07 26.52 -31.27
C ARG D 159 8.82 25.02 -31.37
N SER D 160 8.47 24.53 -32.56
CA SER D 160 8.42 23.11 -32.90
C SER D 160 9.21 22.92 -34.17
N VAL D 161 10.17 22.00 -34.17
CA VAL D 161 11.07 21.77 -35.29
C VAL D 161 11.13 20.27 -35.58
N LEU D 162 10.89 19.89 -36.85
CA LEU D 162 11.11 18.52 -37.28
C LEU D 162 12.35 18.48 -38.15
N VAL D 163 13.30 17.64 -37.78
CA VAL D 163 14.60 17.55 -38.45
C VAL D 163 14.68 16.19 -39.13
N GLU D 164 14.69 16.20 -40.46
CA GLU D 164 14.58 14.98 -41.24
C GLU D 164 15.96 14.49 -41.67
N GLY D 165 16.25 13.22 -41.38
CA GLY D 165 17.52 12.63 -41.74
C GLY D 165 18.05 11.63 -40.73
N ASP D 166 19.24 11.09 -41.01
CA ASP D 166 19.94 10.19 -40.10
C ASP D 166 20.47 10.99 -38.90
N VAL D 167 20.09 10.60 -37.68
CA VAL D 167 20.50 11.37 -36.50
C VAL D 167 22.01 11.52 -36.40
N ARG D 168 22.78 10.56 -36.93
N ARG D 168 22.77 10.53 -36.91
CA ARG D 168 24.23 10.69 -36.82
CA ARG D 168 24.23 10.64 -36.88
C ARG D 168 24.74 11.94 -37.53
C ARG D 168 24.71 11.95 -37.50
N GLU D 169 24.02 12.40 -38.56
CA GLU D 169 24.33 13.66 -39.24
C GLU D 169 23.53 14.82 -38.65
N THR D 170 22.23 14.61 -38.44
CA THR D 170 21.32 15.73 -38.12
C THR D 170 21.46 16.26 -36.70
N VAL D 171 21.76 15.42 -35.72
CA VAL D 171 21.79 15.91 -34.33
C VAL D 171 23.05 16.76 -34.14
N PRO D 172 24.23 16.32 -34.56
CA PRO D 172 25.39 17.23 -34.44
C PRO D 172 25.23 18.51 -35.23
N ARG D 173 24.58 18.44 -36.41
CA ARG D 173 24.37 19.66 -37.17
C ARG D 173 23.41 20.60 -36.46
N TYR D 174 22.32 20.06 -35.90
CA TYR D 174 21.38 20.90 -35.16
C TYR D 174 22.09 21.60 -34.00
N LEU D 175 22.93 20.87 -33.27
CA LEU D 175 23.62 21.46 -32.13
C LEU D 175 24.61 22.51 -32.55
N ALA D 176 25.31 22.29 -33.67
CA ALA D 176 26.21 23.32 -34.19
C ALA D 176 25.45 24.58 -34.59
N GLU D 177 24.26 24.43 -35.17
CA GLU D 177 23.46 25.60 -35.53
C GLU D 177 22.83 26.29 -34.32
N ASN D 178 22.85 25.65 -33.16
CA ASN D 178 22.10 26.13 -31.99
C ASN D 178 22.99 26.06 -30.75
N PRO D 179 24.07 26.84 -30.72
CA PRO D 179 25.00 26.78 -29.57
C PRO D 179 24.40 27.29 -28.25
N GLN D 180 23.22 27.92 -28.30
CA GLN D 180 22.45 28.28 -27.10
C GLN D 180 21.77 27.09 -26.44
N THR D 181 21.87 25.90 -27.03
CA THR D 181 21.05 24.78 -26.60
C THR D 181 21.39 24.38 -25.15
N VAL D 182 20.33 24.22 -24.35
CA VAL D 182 20.35 23.39 -23.14
C VAL D 182 19.27 22.34 -23.37
N ILE D 183 19.53 21.09 -23.01
CA ILE D 183 18.57 20.00 -23.17
C ILE D 183 17.96 19.64 -21.81
N ALA D 184 16.66 19.89 -21.64
CA ALA D 184 15.95 19.54 -20.41
C ALA D 184 15.43 18.11 -20.40
N LEU D 185 14.99 17.62 -21.55
CA LEU D 185 14.43 16.28 -21.69
C LEU D 185 14.82 15.70 -23.05
N ALA D 186 15.44 14.52 -23.02
CA ALA D 186 15.85 13.79 -24.21
C ALA D 186 15.20 12.42 -24.20
N TYR D 187 14.37 12.14 -25.20
CA TYR D 187 13.61 10.89 -25.30
C TYR D 187 14.14 10.05 -26.45
N PHE D 188 14.67 8.87 -26.12
CA PHE D 188 15.33 7.97 -27.08
C PHE D 188 14.38 6.87 -27.53
N ASP D 189 14.05 6.85 -28.82
CA ASP D 189 13.29 5.78 -29.43
C ASP D 189 13.91 5.39 -30.77
N LEU D 190 15.23 5.12 -30.76
CA LEU D 190 15.99 4.80 -31.97
C LEU D 190 16.24 3.31 -32.18
N ASP D 191 16.05 2.49 -31.15
CA ASP D 191 16.10 1.02 -31.23
C ASP D 191 17.51 0.46 -31.34
N LEU D 192 18.39 1.10 -32.10
CA LEU D 192 19.64 0.51 -32.54
C LEU D 192 20.86 1.11 -31.84
N TYR D 193 21.92 0.29 -31.79
CA TYR D 193 23.15 0.64 -31.08
C TYR D 193 23.84 1.88 -31.66
N GLU D 194 24.14 1.89 -32.96
CA GLU D 194 24.99 2.96 -33.50
C GLU D 194 24.34 4.34 -33.38
N PRO D 195 23.08 4.53 -33.79
CA PRO D 195 22.47 5.84 -33.58
C PRO D 195 22.30 6.21 -32.12
N THR D 196 21.89 5.27 -31.24
CA THR D 196 21.77 5.63 -29.83
C THR D 196 23.11 6.11 -29.27
N LYS D 197 24.19 5.39 -29.57
CA LYS D 197 25.50 5.76 -29.06
C LYS D 197 25.92 7.15 -29.55
N ALA D 198 25.75 7.40 -30.84
CA ALA D 198 26.16 8.68 -31.39
C ALA D 198 25.37 9.83 -30.79
N VAL D 199 24.07 9.65 -30.59
CA VAL D 199 23.28 10.76 -30.03
C VAL D 199 23.59 10.96 -28.56
N LEU D 200 23.80 9.87 -27.82
CA LEU D 200 24.15 10.04 -26.39
C LEU D 200 25.44 10.83 -26.26
N GLU D 201 26.42 10.53 -27.10
CA GLU D 201 27.69 11.25 -27.04
C GLU D 201 27.53 12.71 -27.46
N ALA D 202 26.70 13.00 -28.46
CA ALA D 202 26.53 14.37 -28.94
C ALA D 202 25.76 15.24 -27.94
N ILE D 203 24.76 14.70 -27.25
CA ILE D 203 23.95 15.58 -26.42
C ILE D 203 24.59 15.85 -25.07
N ARG D 204 25.57 15.05 -24.65
CA ARG D 204 26.07 15.15 -23.29
C ARG D 204 26.51 16.55 -22.86
N PRO D 205 27.24 17.33 -23.67
CA PRO D 205 27.67 18.66 -23.21
C PRO D 205 26.53 19.65 -23.02
N TYR D 206 25.30 19.30 -23.41
CA TYR D 206 24.17 20.22 -23.36
C TYR D 206 23.19 19.88 -22.25
N LEU D 207 23.47 18.85 -21.45
CA LEU D 207 22.66 18.48 -20.29
C LEU D 207 23.11 19.26 -19.08
N THR D 208 22.16 19.53 -18.16
CA THR D 208 22.54 19.99 -16.82
C THR D 208 22.17 18.94 -15.79
N LYS D 209 22.63 19.12 -14.56
CA LYS D 209 22.17 18.25 -13.48
C LYS D 209 20.68 18.49 -13.32
N GLY D 210 19.90 17.42 -13.42
CA GLY D 210 18.47 17.52 -13.41
C GLY D 210 17.80 17.29 -14.75
N SER D 211 18.55 17.36 -15.86
CA SER D 211 18.01 17.02 -17.16
C SER D 211 17.58 15.56 -17.13
N ILE D 212 16.51 15.23 -17.81
CA ILE D 212 16.02 13.85 -17.88
C ILE D 212 16.45 13.22 -19.20
N VAL D 213 17.02 12.02 -19.12
CA VAL D 213 17.30 11.20 -20.28
C VAL D 213 16.42 9.95 -20.16
N ALA D 214 15.61 9.69 -21.18
CA ALA D 214 14.61 8.63 -21.13
C ALA D 214 14.73 7.73 -22.34
N PHE D 215 14.42 6.44 -22.12
CA PHE D 215 14.58 5.40 -23.13
C PHE D 215 13.27 4.65 -23.30
N ASP D 216 12.86 4.44 -24.55
CA ASP D 216 11.65 3.67 -24.86
C ASP D 216 11.84 2.15 -24.76
N GLU D 217 13.05 1.61 -24.94
CA GLU D 217 13.21 0.15 -24.95
C GLU D 217 14.57 -0.27 -24.40
N LEU D 218 14.95 0.28 -23.24
CA LEU D 218 16.29 0.02 -22.73
C LEU D 218 16.48 -1.44 -22.37
N ASP D 219 15.47 -2.09 -21.82
CA ASP D 219 15.63 -3.44 -21.30
C ASP D 219 14.76 -4.43 -22.08
N ASN D 220 14.42 -4.07 -23.31
CA ASN D 220 13.51 -4.89 -24.12
C ASN D 220 14.27 -5.93 -24.95
N PRO D 221 13.94 -7.22 -24.85
CA PRO D 221 14.67 -8.24 -25.61
C PRO D 221 14.65 -8.03 -27.11
N LYS D 222 13.65 -7.34 -27.63
CA LYS D 222 13.54 -7.15 -29.07
C LYS D 222 14.62 -6.21 -29.61
N TRP D 223 15.08 -5.26 -28.79
CA TRP D 223 15.97 -4.19 -29.23
C TRP D 223 17.13 -3.98 -28.28
N PRO D 224 18.04 -4.95 -28.17
CA PRO D 224 19.11 -4.82 -27.16
C PRO D 224 20.09 -3.67 -27.44
N GLY D 225 20.08 -3.07 -28.63
CA GLY D 225 21.13 -2.12 -28.98
C GLY D 225 21.12 -0.88 -28.10
N GLU D 226 19.96 -0.49 -27.60
CA GLU D 226 19.87 0.67 -26.73
C GLU D 226 20.66 0.44 -25.44
N ASN D 227 20.48 -0.72 -24.84
CA ASN D 227 21.22 -1.08 -23.64
C ASN D 227 22.72 -1.17 -23.93
N ILE D 228 23.09 -1.84 -25.04
CA ILE D 228 24.50 -1.99 -25.39
C ILE D 228 25.14 -0.61 -25.48
N ALA D 229 24.43 0.33 -26.11
CA ALA D 229 24.93 1.70 -26.23
C ALA D 229 25.04 2.39 -24.89
N MET D 230 24.03 2.24 -24.02
CA MET D 230 24.08 2.86 -22.70
C MET D 230 25.27 2.33 -21.93
N ARG D 231 25.49 1.01 -22.00
CA ARG D 231 26.62 0.44 -21.26
C ARG D 231 27.95 0.90 -21.84
N LYS D 232 28.02 1.08 -23.17
CA LYS D 232 29.24 1.55 -23.81
C LYS D 232 29.55 3.00 -23.41
N VAL D 233 28.56 3.88 -23.48
CA VAL D 233 28.85 5.31 -23.33
C VAL D 233 28.93 5.71 -21.86
N LEU D 234 28.02 5.21 -21.02
CA LEU D 234 27.87 5.74 -19.66
C LEU D 234 27.99 4.69 -18.58
N GLY D 235 27.48 3.47 -18.82
CA GLY D 235 27.29 2.47 -17.79
C GLY D 235 25.89 2.58 -17.20
N LEU D 236 25.28 1.44 -16.88
CA LEU D 236 23.92 1.43 -16.37
C LEU D 236 23.83 2.06 -14.99
N ASP D 237 24.94 2.12 -14.24
CA ASP D 237 24.97 2.79 -12.94
C ASP D 237 25.58 4.17 -12.99
N HIS D 238 25.68 4.77 -14.18
CA HIS D 238 26.14 6.17 -14.24
C HIS D 238 25.21 7.08 -13.45
N ALA D 239 23.92 6.76 -13.48
CA ALA D 239 22.88 7.50 -12.80
C ALA D 239 21.80 6.49 -12.46
N PRO D 240 20.84 6.84 -11.61
CA PRO D 240 19.80 5.87 -11.24
C PRO D 240 18.74 5.79 -12.33
N LEU D 241 18.63 4.61 -12.96
CA LEU D 241 17.57 4.39 -13.93
C LEU D 241 16.29 4.02 -13.20
N ARG D 242 15.20 4.67 -13.56
CA ARG D 242 13.91 4.48 -12.93
C ARG D 242 12.81 4.14 -13.94
N LEU D 243 11.79 3.45 -13.43
CA LEU D 243 10.49 3.29 -14.05
C LEU D 243 9.48 4.17 -13.33
N LEU D 244 8.45 4.58 -14.05
CA LEU D 244 7.21 4.95 -13.40
C LEU D 244 6.50 3.69 -12.97
N PRO D 245 6.19 3.51 -11.67
CA PRO D 245 5.77 2.19 -11.22
C PRO D 245 4.58 1.65 -12.00
N GLY D 246 4.67 0.36 -12.32
CA GLY D 246 3.64 -0.36 -13.06
C GLY D 246 3.81 -0.30 -14.56
N ARG D 247 4.80 0.43 -15.05
CA ARG D 247 4.94 0.62 -16.48
C ARG D 247 6.30 0.13 -16.92
N PRO D 248 6.39 -0.74 -17.92
CA PRO D 248 7.70 -1.28 -18.31
C PRO D 248 8.60 -0.28 -18.97
N ALA D 249 8.03 0.75 -19.56
CA ALA D 249 8.75 1.84 -20.21
C ALA D 249 7.95 3.11 -19.99
N PRO D 250 8.62 4.27 -19.95
CA PRO D 250 10.06 4.45 -20.24
C PRO D 250 10.92 4.17 -19.04
N ALA D 251 12.20 3.92 -19.30
CA ALA D 251 13.21 3.94 -18.26
C ALA D 251 13.91 5.28 -18.37
N TYR D 252 14.10 5.95 -17.25
CA TYR D 252 14.63 7.31 -17.33
C TYR D 252 15.55 7.59 -16.15
N LEU D 253 16.49 8.51 -16.36
CA LEU D 253 17.43 8.95 -15.34
C LEU D 253 17.46 10.48 -15.27
N ARG D 254 17.78 10.97 -14.07
CA ARG D 254 18.03 12.39 -13.82
C ARG D 254 19.54 12.58 -13.86
N TRP D 255 20.00 13.34 -14.84
CA TRP D 255 21.42 13.60 -15.00
C TRP D 255 22.04 14.14 -13.71
N GLY D 256 23.15 13.53 -13.30
CA GLY D 256 23.88 13.94 -12.12
C GLY D 256 23.47 13.26 -10.83
N ASP D 257 22.42 12.46 -10.82
N ASP D 257 22.42 12.49 -10.84
CA ASP D 257 22.01 11.80 -9.59
CA ASP D 257 21.99 11.85 -9.63
C ASP D 257 22.79 10.49 -9.33
C ASP D 257 22.78 10.57 -9.44
N GLN E 7 -32.18 -11.32 -12.79
CA GLN E 7 -30.84 -11.00 -12.29
C GLN E 7 -29.77 -11.65 -13.15
N ASP E 8 -28.82 -10.84 -13.61
CA ASP E 8 -27.67 -11.32 -14.36
C ASP E 8 -26.56 -11.65 -13.38
N LEU E 9 -26.23 -12.92 -13.24
CA LEU E 9 -25.25 -13.33 -12.24
C LEU E 9 -23.82 -12.97 -12.63
N ARG E 10 -23.58 -12.65 -13.90
CA ARG E 10 -22.28 -12.16 -14.33
C ARG E 10 -21.96 -10.78 -13.77
N ALA E 11 -22.95 -10.06 -13.22
CA ALA E 11 -22.69 -8.77 -12.58
C ALA E 11 -22.12 -8.93 -11.18
N PHE E 12 -22.13 -10.14 -10.63
CA PHE E 12 -21.44 -10.41 -9.38
C PHE E 12 -20.01 -10.84 -9.68
N VAL E 13 -19.10 -10.51 -8.75
CA VAL E 13 -17.71 -10.91 -8.91
C VAL E 13 -17.64 -12.43 -8.95
N HIS E 14 -16.98 -12.97 -9.98
CA HIS E 14 -16.73 -14.39 -10.07
C HIS E 14 -15.39 -14.60 -10.78
N ASP E 15 -14.86 -15.82 -10.66
CA ASP E 15 -13.56 -16.16 -11.23
C ASP E 15 -13.58 -16.22 -12.75
N SER E 16 -12.56 -15.62 -13.37
CA SER E 16 -12.30 -15.85 -14.78
C SER E 16 -11.94 -17.32 -15.04
N PRO E 17 -12.02 -17.77 -16.29
CA PRO E 17 -11.55 -19.13 -16.61
C PRO E 17 -10.07 -19.33 -16.31
N GLU E 18 -9.25 -18.29 -16.55
CA GLU E 18 -7.81 -18.36 -16.29
C GLU E 18 -7.52 -18.48 -14.80
N GLU E 19 -8.30 -17.77 -13.96
CA GLU E 19 -8.13 -17.86 -12.51
C GLU E 19 -8.49 -19.26 -12.04
N THR E 20 -9.58 -19.80 -12.55
CA THR E 20 -9.93 -21.18 -12.28
C THR E 20 -8.83 -22.12 -12.75
N GLU E 21 -8.31 -21.91 -13.96
CA GLU E 21 -7.25 -22.77 -14.48
C GLU E 21 -6.05 -22.75 -13.55
N THR E 22 -5.61 -21.54 -13.13
CA THR E 22 -4.48 -21.46 -12.20
C THR E 22 -4.76 -22.22 -10.91
N THR E 23 -5.95 -22.03 -10.35
CA THR E 23 -6.27 -22.65 -9.07
C THR E 23 -6.26 -24.17 -9.19
N GLN E 24 -6.83 -24.69 -10.27
CA GLN E 24 -6.85 -26.15 -10.47
C GLN E 24 -5.46 -26.72 -10.72
N ARG E 25 -4.64 -26.01 -11.49
CA ARG E 25 -3.30 -26.50 -11.78
C ARG E 25 -2.46 -26.56 -10.53
N LEU E 26 -2.48 -25.48 -9.73
CA LEU E 26 -1.69 -25.47 -8.51
C LEU E 26 -2.16 -26.51 -7.52
N THR E 27 -3.47 -26.82 -7.50
CA THR E 27 -3.97 -27.89 -6.65
C THR E 27 -3.35 -29.22 -7.05
N LYS E 28 -3.33 -29.52 -8.36
CA LYS E 28 -2.73 -30.75 -8.89
C LYS E 28 -1.25 -30.84 -8.54
N LEU E 29 -0.51 -29.73 -8.68
CA LEU E 29 0.92 -29.73 -8.44
C LEU E 29 1.25 -29.80 -6.96
N LEU E 30 0.34 -29.34 -6.10
CA LEU E 30 0.51 -29.45 -4.66
C LEU E 30 0.36 -30.90 -4.21
N THR E 31 -0.66 -31.60 -4.70
CA THR E 31 -0.98 -32.92 -4.19
C THR E 31 -0.18 -34.01 -4.90
N ASN E 32 0.50 -33.68 -5.99
CA ASN E 32 1.32 -34.65 -6.72
C ASN E 32 2.72 -34.07 -6.86
N SER E 33 3.36 -33.80 -5.72
CA SER E 33 4.58 -33.01 -5.81
C SER E 33 5.82 -33.85 -5.57
N PRO E 34 6.88 -33.65 -6.37
CA PRO E 34 8.16 -34.31 -6.06
C PRO E 34 8.81 -33.76 -4.80
N ILE E 35 8.35 -32.63 -4.27
CA ILE E 35 8.88 -32.14 -2.99
C ILE E 35 8.54 -33.17 -1.92
N PRO E 36 9.47 -33.55 -1.03
CA PRO E 36 9.07 -34.44 0.07
C PRO E 36 7.92 -33.84 0.84
N THR E 37 6.96 -34.69 1.24
CA THR E 37 5.75 -34.17 1.88
C THR E 37 6.11 -33.33 3.10
N GLU E 38 7.14 -33.73 3.85
CA GLU E 38 7.50 -33.07 5.09
C GLU E 38 8.12 -31.70 4.84
N GLU E 39 8.41 -31.35 3.59
CA GLU E 39 8.94 -30.05 3.21
C GLU E 39 7.91 -29.14 2.56
N LEU E 40 6.69 -29.63 2.31
CA LEU E 40 5.70 -28.77 1.68
C LEU E 40 5.41 -27.51 2.49
N VAL E 41 5.33 -27.61 3.82
CA VAL E 41 5.01 -26.42 4.62
C VAL E 41 6.17 -25.44 4.64
N ASN E 42 7.29 -25.80 4.00
CA ASN E 42 8.39 -24.85 3.78
C ASN E 42 8.36 -24.24 2.39
N ASN E 43 7.38 -24.59 1.57
CA ASN E 43 7.34 -24.13 0.19
C ASN E 43 5.95 -23.72 -0.26
N LEU E 44 5.08 -23.33 0.68
CA LEU E 44 3.71 -23.00 0.33
C LEU E 44 3.61 -21.86 -0.66
N PRO E 45 4.51 -20.88 -0.69
CA PRO E 45 4.43 -19.83 -1.72
C PRO E 45 4.45 -20.35 -3.15
N LEU E 46 4.92 -21.57 -3.40
CA LEU E 46 4.83 -22.12 -4.74
C LEU E 46 3.38 -22.24 -5.21
N PHE E 47 2.45 -22.39 -4.27
CA PHE E 47 1.05 -22.69 -4.58
C PHE E 47 0.10 -21.56 -4.20
N LEU E 48 0.66 -20.40 -3.80
CA LEU E 48 -0.09 -19.27 -3.28
C LEU E 48 -0.20 -18.24 -4.40
N ARG E 49 -1.31 -18.26 -5.13
CA ARG E 49 -1.45 -17.39 -6.30
C ARG E 49 -1.73 -15.94 -5.89
N ARG E 50 -1.55 -15.06 -6.87
CA ARG E 50 -1.76 -13.61 -6.68
C ARG E 50 -2.97 -13.29 -5.81
N HIS E 51 -4.12 -13.86 -6.15
CA HIS E 51 -5.34 -13.47 -5.43
C HIS E 51 -5.20 -13.74 -3.94
N GLN E 52 -4.68 -14.92 -3.59
CA GLN E 52 -4.54 -15.28 -2.19
C GLN E 52 -3.37 -14.55 -1.52
N MET E 53 -2.25 -14.36 -2.25
CA MET E 53 -1.17 -13.54 -1.74
C MET E 53 -1.65 -12.14 -1.37
N THR E 54 -2.52 -11.55 -2.19
CA THR E 54 -3.06 -10.22 -1.93
C THR E 54 -3.81 -10.20 -0.60
N ASP E 55 -4.64 -11.20 -0.34
CA ASP E 55 -5.35 -11.28 0.94
C ASP E 55 -4.37 -11.32 2.11
N LEU E 56 -3.30 -12.11 1.99
CA LEU E 56 -2.31 -12.19 3.06
C LEU E 56 -1.64 -10.83 3.31
N LEU E 57 -1.21 -10.15 2.24
CA LEU E 57 -0.59 -8.82 2.39
C LEU E 57 -1.56 -7.82 3.01
N SER E 58 -2.85 -7.92 2.67
CA SER E 58 -3.84 -7.02 3.27
C SER E 58 -3.96 -7.27 4.78
N MET E 59 -3.97 -8.52 5.22
CA MET E 59 -4.09 -8.78 6.65
C MET E 59 -2.84 -8.29 7.39
N ASP E 60 -1.67 -8.45 6.78
CA ASP E 60 -0.44 -7.90 7.35
C ASP E 60 -0.50 -6.38 7.47
N ALA E 61 -1.05 -5.70 6.46
CA ALA E 61 -1.19 -4.25 6.54
C ALA E 61 -2.12 -3.84 7.67
N LEU E 62 -3.23 -4.56 7.86
CA LEU E 62 -4.13 -4.22 8.96
C LEU E 62 -3.48 -4.48 10.31
N TYR E 63 -2.78 -5.60 10.44
CA TYR E 63 -2.11 -5.94 11.70
C TYR E 63 -1.09 -4.87 12.06
N ARG E 64 -0.31 -4.43 11.07
CA ARG E 64 0.72 -3.43 11.32
C ARG E 64 0.14 -2.11 11.79
N GLN E 65 -1.09 -1.80 11.41
CA GLN E 65 -1.69 -0.56 11.90
C GLN E 65 -2.13 -0.63 13.36
N VAL E 66 -2.22 -1.82 13.99
CA VAL E 66 -2.64 -1.89 15.39
C VAL E 66 -1.52 -2.37 16.32
N LEU E 67 -0.27 -2.39 15.86
CA LEU E 67 0.82 -2.81 16.76
C LEU E 67 1.01 -1.86 17.94
N ASP E 68 0.55 -0.61 17.85
CA ASP E 68 0.61 0.29 18.99
C ASP E 68 -0.76 0.54 19.61
N VAL E 69 -1.69 -0.39 19.44
CA VAL E 69 -3.05 -0.30 19.99
C VAL E 69 -3.25 -1.48 20.93
N PRO E 70 -3.70 -1.27 22.17
CA PRO E 70 -3.94 -2.40 23.06
C PRO E 70 -5.13 -3.22 22.58
N GLY E 71 -5.22 -4.44 23.08
CA GLY E 71 -6.43 -5.23 22.95
C GLY E 71 -6.30 -6.45 22.06
N VAL E 72 -7.47 -6.97 21.66
CA VAL E 72 -7.57 -8.27 21.01
C VAL E 72 -7.93 -8.09 19.54
N ILE E 73 -7.86 -9.20 18.80
CA ILE E 73 -8.28 -9.30 17.41
C ILE E 73 -9.50 -10.20 17.33
N MET E 74 -10.55 -9.71 16.68
CA MET E 74 -11.76 -10.51 16.52
C MET E 74 -12.14 -10.61 15.06
N GLU E 75 -12.58 -11.79 14.64
CA GLU E 75 -13.13 -11.99 13.30
C GLU E 75 -14.52 -12.59 13.42
N PHE E 76 -15.49 -11.91 12.80
CA PHE E 76 -16.88 -12.30 12.83
C PHE E 76 -17.18 -12.94 11.47
N GLY E 77 -17.28 -14.26 11.45
CA GLY E 77 -17.43 -14.99 10.20
C GLY E 77 -16.06 -15.37 9.67
N VAL E 78 -15.73 -16.66 9.75
CA VAL E 78 -14.33 -17.09 9.70
C VAL E 78 -14.03 -18.03 8.53
N ARG E 79 -15.05 -18.53 7.84
CA ARG E 79 -14.89 -19.46 6.70
C ARG E 79 -14.09 -20.66 7.19
N PHE E 80 -13.01 -21.06 6.51
CA PHE E 80 -12.16 -22.16 6.97
C PHE E 80 -11.06 -21.70 7.92
N GLY E 81 -10.99 -20.42 8.26
CA GLY E 81 -10.00 -19.92 9.20
C GLY E 81 -8.74 -19.32 8.59
N ARG E 82 -8.72 -19.10 7.28
CA ARG E 82 -7.58 -18.49 6.60
C ARG E 82 -7.04 -17.27 7.36
N HIS E 83 -7.91 -16.34 7.76
CA HIS E 83 -7.41 -15.12 8.43
C HIS E 83 -6.88 -15.43 9.82
N LEU E 84 -7.48 -16.40 10.50
CA LEU E 84 -7.06 -16.73 11.87
C LEU E 84 -5.65 -17.31 11.89
N GLY E 85 -5.37 -18.21 10.95
CA GLY E 85 -4.00 -18.67 10.76
C GLY E 85 -3.03 -17.56 10.42
N THR E 86 -3.43 -16.67 9.51
CA THR E 86 -2.57 -15.54 9.16
C THR E 86 -2.23 -14.73 10.40
N PHE E 87 -3.26 -14.41 11.20
CA PHE E 87 -3.06 -13.58 12.39
C PHE E 87 -2.17 -14.30 13.41
N ALA E 88 -2.35 -15.60 13.57
CA ALA E 88 -1.49 -16.36 14.48
C ALA E 88 -0.04 -16.31 14.05
N ALA E 89 0.24 -16.45 12.75
CA ALA E 89 1.63 -16.36 12.31
C ALA E 89 2.15 -14.93 12.46
N LEU E 90 1.33 -13.95 12.13
CA LEU E 90 1.78 -12.56 12.20
C LEU E 90 2.01 -12.12 13.63
N ARG E 91 1.20 -12.62 14.55
CA ARG E 91 1.43 -12.34 15.96
C ARG E 91 2.80 -12.87 16.38
N GLY E 92 3.21 -14.00 15.83
CA GLY E 92 4.58 -14.46 16.03
C GLY E 92 5.59 -13.49 15.46
N VAL E 93 5.38 -13.04 14.23
CA VAL E 93 6.34 -12.14 13.59
C VAL E 93 6.55 -10.90 14.44
N TYR E 94 5.45 -10.24 14.87
CA TYR E 94 5.51 -8.88 15.42
C TYR E 94 5.43 -8.82 16.94
N GLU E 95 4.87 -9.81 17.61
CA GLU E 95 4.52 -9.67 19.01
C GLU E 95 4.87 -10.89 19.86
N PRO E 96 6.09 -11.40 19.82
CA PRO E 96 6.43 -12.54 20.68
C PRO E 96 6.14 -12.30 22.15
N TYR E 97 6.25 -11.04 22.61
CA TYR E 97 6.16 -10.75 24.03
C TYR E 97 4.80 -10.22 24.45
N ASN E 98 3.77 -10.34 23.61
CA ASN E 98 2.44 -9.86 23.97
C ASN E 98 1.47 -11.01 24.13
N PRO E 99 1.34 -11.58 25.34
CA PRO E 99 0.38 -12.67 25.56
C PRO E 99 -1.06 -12.22 25.67
N LEU E 100 -1.30 -10.92 25.69
CA LEU E 100 -2.66 -10.38 25.78
C LEU E 100 -3.33 -10.20 24.43
N ARG E 101 -2.59 -10.37 23.33
CA ARG E 101 -3.19 -10.23 22.01
C ARG E 101 -3.90 -11.53 21.64
N ARG E 102 -5.09 -11.68 22.19
CA ARG E 102 -5.90 -12.85 21.92
C ARG E 102 -6.49 -12.71 20.52
N ILE E 103 -6.68 -13.86 19.88
CA ILE E 103 -7.33 -13.96 18.58
C ILE E 103 -8.64 -14.69 18.81
N VAL E 104 -9.76 -14.06 18.49
CA VAL E 104 -11.07 -14.64 18.76
C VAL E 104 -11.84 -14.75 17.45
N GLY E 105 -12.26 -15.95 17.10
CA GLY E 105 -13.04 -16.18 15.90
C GLY E 105 -14.45 -16.60 16.27
N PHE E 106 -15.44 -15.87 15.74
CA PHE E 106 -16.86 -16.16 15.96
C PHE E 106 -17.48 -16.71 14.67
N ASP E 107 -18.19 -17.82 14.77
CA ASP E 107 -18.84 -18.37 13.59
C ASP E 107 -19.85 -19.39 14.07
N THR E 108 -20.85 -19.63 13.21
CA THR E 108 -21.77 -20.73 13.48
C THR E 108 -21.18 -22.07 13.11
N PHE E 109 -20.25 -22.08 12.16
CA PHE E 109 -19.62 -23.32 11.69
C PHE E 109 -20.65 -24.30 11.15
N THR E 110 -21.56 -23.80 10.32
CA THR E 110 -22.57 -24.66 9.70
C THR E 110 -22.78 -24.25 8.25
N GLN E 127 -12.13 -38.30 5.66
CA GLN E 127 -12.07 -37.08 4.86
C GLN E 127 -11.23 -37.27 3.59
N GLY E 128 -11.74 -36.84 2.42
CA GLY E 128 -13.02 -36.19 2.24
C GLY E 128 -14.19 -37.15 2.15
N ARG E 129 -14.90 -37.37 3.26
CA ARG E 129 -16.06 -38.26 3.34
C ARG E 129 -16.40 -38.64 4.78
N PHE E 130 -15.42 -38.63 5.68
CA PHE E 130 -15.68 -38.92 7.09
C PHE E 130 -15.84 -37.59 7.82
N ALA E 131 -17.02 -37.36 8.38
CA ALA E 131 -17.25 -36.16 9.15
C ALA E 131 -16.23 -36.04 10.28
N VAL E 132 -15.75 -34.84 10.54
CA VAL E 132 -14.74 -34.61 11.58
C VAL E 132 -15.40 -34.71 12.95
N PRO E 133 -14.93 -35.55 13.87
CA PRO E 133 -15.47 -35.54 15.23
C PRO E 133 -15.26 -34.16 15.87
N GLY E 134 -16.33 -33.60 16.43
CA GLY E 134 -16.30 -32.25 16.95
C GLY E 134 -16.50 -31.18 15.91
N GLY E 135 -16.65 -31.55 14.63
CA GLY E 135 -16.89 -30.59 13.59
C GLY E 135 -15.62 -29.85 13.19
N TYR E 136 -15.77 -29.00 12.19
CA TYR E 136 -14.62 -28.22 11.73
C TYR E 136 -13.92 -27.47 12.85
N PRO E 137 -14.61 -26.94 13.86
CA PRO E 137 -13.88 -26.21 14.92
C PRO E 137 -12.79 -27.02 15.59
N ALA E 138 -12.95 -28.35 15.70
CA ALA E 138 -11.92 -29.16 16.35
C ALA E 138 -10.64 -29.19 15.52
N TYR E 139 -10.78 -29.28 14.20
CA TYR E 139 -9.63 -29.23 13.31
C TYR E 139 -8.96 -27.86 13.33
N LEU E 140 -9.76 -26.80 13.23
CA LEU E 140 -9.21 -25.44 13.22
C LEU E 140 -8.51 -25.10 14.53
N LYS E 141 -9.05 -25.58 15.65
CA LYS E 141 -8.34 -25.45 16.91
C LYS E 141 -7.00 -26.20 16.89
N GLU E 142 -6.96 -27.39 16.28
CA GLU E 142 -5.69 -28.10 16.13
C GLU E 142 -4.69 -27.24 15.36
N VAL E 143 -5.14 -26.61 14.28
CA VAL E 143 -4.28 -25.73 13.49
C VAL E 143 -3.71 -24.61 14.36
N LEU E 144 -4.56 -23.90 15.11
CA LEU E 144 -4.08 -22.75 15.87
C LEU E 144 -3.19 -23.19 17.02
N ASP E 145 -3.51 -24.30 17.66
CA ASP E 145 -2.62 -24.88 18.67
C ASP E 145 -1.25 -25.19 18.08
N ALA E 146 -1.22 -25.66 16.84
CA ALA E 146 0.06 -26.01 16.24
C ALA E 146 0.95 -24.78 16.10
N HIS E 147 0.37 -23.63 15.72
CA HIS E 147 1.16 -22.39 15.69
C HIS E 147 1.62 -21.99 17.09
N GLU E 148 0.73 -22.07 18.07
CA GLU E 148 1.02 -21.57 19.40
C GLU E 148 2.07 -22.39 20.13
N CYS E 149 2.28 -23.64 19.77
CA CYS E 149 3.24 -24.38 20.58
C CYS E 149 4.67 -23.92 20.37
N SER E 150 4.96 -23.10 19.36
CA SER E 150 6.30 -22.51 19.25
C SER E 150 6.29 -21.01 19.56
N ASP E 151 5.19 -20.48 20.08
CA ASP E 151 5.19 -19.09 20.53
C ASP E 151 6.01 -18.93 21.79
N PHE E 152 6.62 -17.76 21.92
CA PHE E 152 7.42 -17.43 23.11
C PHE E 152 6.57 -17.51 24.37
N PHE E 153 5.30 -17.08 24.28
CA PHE E 153 4.36 -17.22 25.39
C PHE E 153 3.41 -18.39 25.21
N GLY E 154 3.91 -19.47 24.60
CA GLY E 154 3.10 -20.66 24.35
C GLY E 154 2.59 -21.35 25.60
N HIS E 155 3.06 -20.98 26.78
CA HIS E 155 2.56 -21.57 28.02
C HIS E 155 1.31 -20.87 28.56
N VAL E 156 0.96 -19.71 28.04
CA VAL E 156 -0.29 -19.05 28.38
C VAL E 156 -1.37 -19.58 27.45
N THR E 157 -2.45 -20.08 28.03
CA THR E 157 -3.53 -20.67 27.23
C THR E 157 -4.56 -19.62 26.86
N GLN E 158 -5.53 -20.03 26.04
CA GLN E 158 -6.66 -19.20 25.62
C GLN E 158 -6.21 -17.92 24.91
N ARG E 159 -5.12 -18.01 24.15
CA ARG E 159 -4.69 -16.91 23.31
C ARG E 159 -5.27 -17.01 21.92
N SER E 160 -5.88 -18.15 21.57
CA SER E 160 -6.77 -18.21 20.42
C SER E 160 -8.02 -18.95 20.84
N VAL E 161 -9.18 -18.40 20.48
CA VAL E 161 -10.47 -18.87 20.95
C VAL E 161 -11.42 -18.91 19.77
N LEU E 162 -12.10 -20.04 19.61
CA LEU E 162 -13.19 -20.16 18.65
C LEU E 162 -14.50 -20.22 19.41
N VAL E 163 -15.47 -19.40 19.00
CA VAL E 163 -16.77 -19.31 19.67
C VAL E 163 -17.83 -19.72 18.67
N GLU E 164 -18.51 -20.84 18.93
CA GLU E 164 -19.50 -21.38 18.01
C GLU E 164 -20.88 -20.88 18.37
N GLY E 165 -21.60 -20.35 17.40
CA GLY E 165 -22.99 -20.03 17.58
C GLY E 165 -23.32 -18.74 16.86
N ASP E 166 -24.51 -18.23 17.15
CA ASP E 166 -25.03 -17.03 16.51
C ASP E 166 -24.43 -15.80 17.19
N VAL E 167 -23.74 -14.96 16.41
CA VAL E 167 -23.03 -13.81 16.98
C VAL E 167 -23.95 -12.87 17.74
N ARG E 168 -25.24 -12.83 17.40
CA ARG E 168 -26.16 -11.97 18.15
C ARG E 168 -26.19 -12.35 19.62
N GLU E 169 -26.00 -13.63 19.93
CA GLU E 169 -25.84 -14.11 21.30
C GLU E 169 -24.38 -14.24 21.72
N THR E 170 -23.50 -14.81 20.87
CA THR E 170 -22.17 -15.17 21.36
C THR E 170 -21.28 -13.96 21.59
N VAL E 171 -21.45 -12.87 20.83
CA VAL E 171 -20.55 -11.74 21.00
C VAL E 171 -20.88 -10.99 22.28
N PRO E 172 -22.15 -10.65 22.55
CA PRO E 172 -22.46 -10.08 23.88
C PRO E 172 -22.04 -10.98 25.03
N ARG E 173 -22.22 -12.29 24.92
CA ARG E 173 -21.84 -13.18 26.00
C ARG E 173 -20.33 -13.17 26.21
N TYR E 174 -19.55 -13.20 25.12
CA TYR E 174 -18.10 -13.15 25.24
C TYR E 174 -17.67 -11.86 25.92
N LEU E 175 -18.27 -10.73 25.56
CA LEU E 175 -17.88 -9.47 26.17
C LEU E 175 -18.29 -9.41 27.65
N ALA E 176 -19.49 -9.88 27.97
CA ALA E 176 -19.89 -9.98 29.38
C ALA E 176 -18.89 -10.80 30.17
N GLU E 177 -18.43 -11.91 29.61
CA GLU E 177 -17.46 -12.76 30.29
C GLU E 177 -16.07 -12.18 30.33
N ASN E 178 -15.77 -11.14 29.55
CA ASN E 178 -14.42 -10.62 29.39
C ASN E 178 -14.42 -9.10 29.52
N PRO E 179 -14.75 -8.60 30.72
CA PRO E 179 -14.87 -7.14 30.91
C PRO E 179 -13.56 -6.39 30.77
N GLN E 180 -12.42 -7.09 30.74
CA GLN E 180 -11.12 -6.48 30.45
C GLN E 180 -10.93 -6.16 28.98
N THR E 181 -11.84 -6.59 28.11
CA THR E 181 -11.63 -6.47 26.67
C THR E 181 -11.36 -5.04 26.21
N VAL E 182 -10.35 -4.89 25.36
CA VAL E 182 -10.20 -3.80 24.41
C VAL E 182 -10.08 -4.45 23.04
N ILE E 183 -10.74 -3.88 22.04
CA ILE E 183 -10.70 -4.43 20.68
C ILE E 183 -9.82 -3.55 19.82
N ALA E 184 -8.68 -4.13 19.38
CA ALA E 184 -7.75 -3.42 18.49
C ALA E 184 -8.14 -3.57 17.02
N LEU E 185 -8.65 -4.74 16.63
CA LEU E 185 -8.98 -5.05 15.25
C LEU E 185 -10.24 -5.90 15.25
N ALA E 186 -11.25 -5.41 14.55
CA ALA E 186 -12.53 -6.09 14.37
C ALA E 186 -12.77 -6.29 12.87
N TYR E 187 -12.88 -7.55 12.45
CA TYR E 187 -12.96 -7.89 11.04
C TYR E 187 -14.29 -8.57 10.76
N PHE E 188 -15.09 -7.94 9.90
CA PHE E 188 -16.47 -8.35 9.66
C PHE E 188 -16.58 -9.12 8.35
N ASP E 189 -17.07 -10.36 8.43
CA ASP E 189 -17.35 -11.17 7.24
C ASP E 189 -18.63 -11.97 7.47
N LEU E 190 -19.68 -11.26 7.87
CA LEU E 190 -20.97 -11.85 8.24
C LEU E 190 -22.03 -11.78 7.14
N ASP E 191 -21.83 -10.98 6.10
CA ASP E 191 -22.75 -10.91 4.96
C ASP E 191 -24.08 -10.22 5.25
N LEU E 192 -24.72 -10.52 6.38
CA LEU E 192 -26.11 -10.16 6.59
C LEU E 192 -26.30 -9.00 7.56
N TYR E 193 -27.45 -8.34 7.37
CA TYR E 193 -27.81 -7.12 8.09
C TYR E 193 -27.94 -7.34 9.59
N GLU E 194 -28.78 -8.29 10.00
CA GLU E 194 -29.05 -8.43 11.43
C GLU E 194 -27.83 -8.79 12.25
N PRO E 195 -27.03 -9.80 11.88
CA PRO E 195 -25.80 -10.04 12.66
C PRO E 195 -24.81 -8.89 12.61
N THR E 196 -24.61 -8.26 11.45
CA THR E 196 -23.66 -7.16 11.39
C THR E 196 -24.09 -6.02 12.30
N LYS E 197 -25.38 -5.70 12.31
CA LYS E 197 -25.89 -4.63 13.15
C LYS E 197 -25.67 -4.94 14.62
N ALA E 198 -26.08 -6.14 15.05
CA ALA E 198 -25.90 -6.55 16.43
C ALA E 198 -24.45 -6.51 16.89
N VAL E 199 -23.51 -6.97 16.05
CA VAL E 199 -22.12 -6.99 16.47
C VAL E 199 -21.53 -5.59 16.52
N LEU E 200 -21.85 -4.74 15.53
CA LEU E 200 -21.39 -3.37 15.58
C LEU E 200 -21.83 -2.71 16.88
N GLU E 201 -23.10 -2.91 17.25
CA GLU E 201 -23.62 -2.30 18.46
C GLU E 201 -22.90 -2.81 19.70
N ALA E 202 -22.60 -4.11 19.75
CA ALA E 202 -21.98 -4.69 20.94
C ALA E 202 -20.53 -4.27 21.11
N ILE E 203 -19.78 -4.17 20.01
CA ILE E 203 -18.34 -3.95 20.16
C ILE E 203 -18.01 -2.48 20.47
N ARG E 204 -18.94 -1.56 20.25
CA ARG E 204 -18.58 -0.14 20.27
C ARG E 204 -17.94 0.32 21.59
N PRO E 205 -18.44 -0.08 22.77
CA PRO E 205 -17.80 0.38 24.01
C PRO E 205 -16.39 -0.15 24.24
N TYR E 206 -15.93 -1.12 23.44
CA TYR E 206 -14.63 -1.74 23.62
C TYR E 206 -13.57 -1.24 22.64
N LEU E 207 -13.92 -0.31 21.75
CA LEU E 207 -12.98 0.28 20.81
C LEU E 207 -12.31 1.50 21.44
N THR E 208 -11.06 1.76 21.04
CA THR E 208 -10.42 3.03 21.35
C THR E 208 -10.21 3.79 20.05
N LYS E 209 -9.84 5.06 20.16
CA LYS E 209 -9.43 5.80 18.98
C LYS E 209 -8.18 5.14 18.45
N GLY E 210 -8.19 4.77 17.17
CA GLY E 210 -7.12 4.01 16.57
C GLY E 210 -7.41 2.54 16.35
N SER E 211 -8.40 1.97 17.05
CA SER E 211 -8.85 0.62 16.69
C SER E 211 -9.29 0.60 15.23
N ILE E 212 -9.13 -0.54 14.59
CA ILE E 212 -9.49 -0.70 13.19
C ILE E 212 -10.73 -1.57 13.13
N VAL E 213 -11.71 -1.11 12.36
CA VAL E 213 -12.89 -1.88 12.02
C VAL E 213 -12.84 -2.10 10.51
N ALA E 214 -12.90 -3.35 10.09
CA ALA E 214 -12.71 -3.72 8.69
C ALA E 214 -13.84 -4.62 8.23
N PHE E 215 -14.19 -4.49 6.95
CA PHE E 215 -15.33 -5.15 6.33
C PHE E 215 -14.89 -5.90 5.09
N ASP E 216 -15.35 -7.12 4.95
CA ASP E 216 -14.97 -7.96 3.82
C ASP E 216 -15.85 -7.71 2.59
N GLU E 217 -17.07 -7.21 2.76
CA GLU E 217 -17.96 -7.03 1.60
C GLU E 217 -18.89 -5.83 1.78
N LEU E 218 -18.32 -4.70 2.22
CA LEU E 218 -19.14 -3.53 2.53
C LEU E 218 -19.88 -3.01 1.30
N ASP E 219 -19.23 -3.03 0.13
CA ASP E 219 -19.79 -2.37 -1.04
C ASP E 219 -20.02 -3.37 -2.17
N ASN E 220 -20.35 -4.60 -1.77
CA ASN E 220 -20.49 -5.69 -2.70
C ASN E 220 -21.95 -5.91 -3.07
N PRO E 221 -22.35 -5.75 -4.34
CA PRO E 221 -23.76 -5.99 -4.72
C PRO E 221 -24.35 -7.28 -4.22
N LYS E 222 -23.54 -8.31 -4.01
CA LYS E 222 -24.09 -9.60 -3.61
C LYS E 222 -24.58 -9.61 -2.17
N TRP E 223 -24.03 -8.73 -1.32
CA TRP E 223 -24.22 -8.79 0.14
C TRP E 223 -24.55 -7.42 0.72
N PRO E 224 -25.67 -6.81 0.32
CA PRO E 224 -25.91 -5.43 0.72
C PRO E 224 -26.14 -5.26 2.21
N GLY E 225 -26.51 -6.31 2.94
CA GLY E 225 -26.87 -6.15 4.35
C GLY E 225 -25.77 -5.54 5.20
N GLU E 226 -24.51 -5.82 4.88
CA GLU E 226 -23.41 -5.22 5.60
C GLU E 226 -23.41 -3.69 5.52
N ASN E 227 -23.57 -3.16 4.31
CA ASN E 227 -23.69 -1.72 4.12
C ASN E 227 -24.92 -1.17 4.82
N ILE E 228 -26.06 -1.85 4.66
CA ILE E 228 -27.29 -1.35 5.29
C ILE E 228 -27.09 -1.22 6.79
N ALA E 229 -26.42 -2.23 7.40
CA ALA E 229 -26.16 -2.21 8.84
C ALA E 229 -25.19 -1.10 9.23
N MET E 230 -24.15 -0.87 8.42
CA MET E 230 -23.22 0.22 8.70
C MET E 230 -23.92 1.57 8.65
N ARG E 231 -24.76 1.77 7.64
CA ARG E 231 -25.48 3.03 7.53
C ARG E 231 -26.47 3.20 8.69
N LYS E 232 -27.03 2.10 9.18
CA LYS E 232 -28.01 2.19 10.25
C LYS E 232 -27.34 2.56 11.58
N VAL E 233 -26.23 1.89 11.90
CA VAL E 233 -25.64 2.01 13.24
C VAL E 233 -24.75 3.25 13.34
N LEU E 234 -23.96 3.53 12.31
CA LEU E 234 -22.91 4.55 12.39
C LEU E 234 -23.00 5.60 11.31
N GLY E 235 -23.34 5.21 10.09
CA GLY E 235 -23.24 6.07 8.93
C GLY E 235 -21.91 5.86 8.21
N LEU E 236 -21.94 5.97 6.88
CA LEU E 236 -20.72 5.71 6.11
C LEU E 236 -19.69 6.81 6.31
N ASP E 237 -20.09 7.98 6.79
CA ASP E 237 -19.14 9.06 7.07
C ASP E 237 -18.88 9.22 8.58
N HIS E 238 -19.17 8.20 9.38
CA HIS E 238 -18.79 8.23 10.81
C HIS E 238 -17.28 8.40 10.96
N ALA E 239 -16.52 7.72 10.12
CA ALA E 239 -15.08 7.73 10.08
C ALA E 239 -14.67 7.53 8.62
N PRO E 240 -13.38 7.68 8.30
CA PRO E 240 -12.95 7.54 6.89
C PRO E 240 -12.78 6.09 6.50
N LEU E 241 -13.66 5.59 5.64
CA LEU E 241 -13.51 4.25 5.09
C LEU E 241 -12.46 4.26 3.98
N ARG E 242 -11.54 3.30 4.03
CA ARG E 242 -10.40 3.23 3.12
C ARG E 242 -10.28 1.85 2.52
N LEU E 243 -9.67 1.81 1.32
CA LEU E 243 -9.13 0.62 0.69
C LEU E 243 -7.62 0.63 0.81
N LEU E 244 -7.02 -0.55 0.75
CA LEU E 244 -5.64 -0.65 0.36
C LEU E 244 -5.59 -0.55 -1.17
N PRO E 245 -4.88 0.45 -1.73
CA PRO E 245 -5.03 0.72 -3.17
C PRO E 245 -4.83 -0.51 -4.04
N GLY E 246 -5.72 -0.65 -5.01
CA GLY E 246 -5.70 -1.76 -5.95
C GLY E 246 -6.53 -2.96 -5.52
N ARG E 247 -7.09 -2.96 -4.33
CA ARG E 247 -7.77 -4.11 -3.80
C ARG E 247 -9.19 -3.73 -3.44
N PRO E 248 -10.21 -4.43 -3.95
CA PRO E 248 -11.60 -3.99 -3.70
C PRO E 248 -12.03 -4.18 -2.27
N ALA E 249 -11.33 -5.04 -1.53
CA ALA E 249 -11.62 -5.35 -0.14
C ALA E 249 -10.30 -5.70 0.53
N PRO E 250 -10.20 -5.48 1.86
CA PRO E 250 -11.21 -4.95 2.78
C PRO E 250 -11.37 -3.44 2.70
N ALA E 251 -12.52 -2.97 3.14
CA ALA E 251 -12.74 -1.56 3.43
C ALA E 251 -12.60 -1.38 4.94
N TYR E 252 -11.78 -0.43 5.37
CA TYR E 252 -11.50 -0.36 6.80
C TYR E 252 -11.44 1.08 7.25
N LEU E 253 -11.81 1.29 8.52
CA LEU E 253 -11.73 2.60 9.14
C LEU E 253 -10.93 2.56 10.44
N ARG E 254 -10.41 3.71 10.81
N ARG E 254 -10.34 3.69 10.77
CA ARG E 254 -9.68 3.91 12.05
CA ARG E 254 -9.70 3.92 12.06
C ARG E 254 -10.59 4.68 13.00
C ARG E 254 -10.69 4.64 12.95
N TRP E 255 -11.05 4.01 14.06
CA TRP E 255 -12.04 4.58 14.97
C TRP E 255 -11.59 5.95 15.47
N GLY E 256 -12.49 6.94 15.40
CA GLY E 256 -12.24 8.27 15.89
C GLY E 256 -11.65 9.25 14.89
N ASP E 257 -11.30 8.82 13.69
N ASP E 257 -11.27 8.75 13.75
CA ASP E 257 -10.67 9.67 12.70
CA ASP E 257 -10.79 9.58 12.70
C ASP E 257 -11.73 10.47 11.90
C ASP E 257 -12.01 10.19 11.97
S SO4 F . -15.50 22.03 -21.71
O1 SO4 F . -15.45 23.41 -21.24
O2 SO4 F . -14.21 21.38 -21.46
O3 SO4 F . -16.56 21.33 -20.98
O4 SO4 F . -15.79 21.95 -23.14
S SO4 G . 15.28 -20.90 5.87
O1 SO4 G . 16.34 -20.68 4.89
O2 SO4 G . 15.87 -20.93 7.21
O3 SO4 G . 14.58 -22.15 5.60
O4 SO4 G . 14.29 -19.81 5.78
S SO4 H . 5.84 -6.91 36.06
O1 SO4 H . 6.73 -5.83 35.63
O2 SO4 H . 4.83 -6.36 36.96
O3 SO4 H . 5.16 -7.50 34.92
O4 SO4 H . 6.64 -7.93 36.73
S SO4 I . 3.74 1.62 -27.65
O1 SO4 I . 5.15 2.01 -27.71
O2 SO4 I . 3.05 2.48 -26.68
O3 SO4 I . 3.07 1.81 -28.92
O4 SO4 I . 3.64 0.21 -27.26
S SO4 J . -11.82 -14.60 -1.31
O1 SO4 J . -10.75 -15.58 -1.41
O2 SO4 J . -11.30 -13.39 -0.67
O3 SO4 J . -12.31 -14.25 -2.64
O4 SO4 J . -12.90 -15.17 -0.51
#